data_7VPJ
#
_entry.id   7VPJ
#
_cell.length_a   1.00
_cell.length_b   1.00
_cell.length_c   1.00
_cell.angle_alpha   90.00
_cell.angle_beta   90.00
_cell.angle_gamma   90.00
#
_symmetry.space_group_name_H-M   'P 1'
#
loop_
_entity.id
_entity.type
_entity.pdbx_description
1 polymer 'Polyamine-transporting ATPase 13A2'
2 non-polymer 'MAGNESIUM ION'
3 non-polymer "ADENOSINE-5'-DIPHOSPHATE"
4 non-polymer 2-acetamido-2-deoxy-beta-D-glucopyranose
5 non-polymer 'TETRAFLUOROALUMINATE ION'
#
_entity_poly.entity_id   1
_entity_poly.type   'polypeptide(L)'
_entity_poly.pdbx_seq_one_letter_code
;GPSRMSADSSPLVGSTPTGYGTLTIGTSIDPLSSSVSSVRLSGYCGSPWRVIGYHVVVWMMAGIPLLLFRWKPLWGVRLR
LRPCNLAHAETLVIEIRDKEDSSWQLFTVQVQTEAIGEGSLEPSPQSQAEDGRSQAAVGAVPEGAWKDTAQLHKSEEAVS
VGQKRVLRYYLFQGQRYIWIETQQAFYQVSLLDHGRSCDDVHRSRHGLSLQDQMVRKAIYGPNVISIPVKSYPQLLVDEA
LNPYYGFQAFSIALWLADHYYWYALCIFLISSISICLSLYKTRKQSQTLRDMVKLSMRVCVCRPGGEEEWVDSSELVPGD
CLVLPQEGGLMPCDAALVAGECMVNESSLTGESIPVLKTALPEGLGPYCAETHRRHTLFCGTLILQARAYVGPHVLAVVT
RTGFCTAKGGLVSSILHPRPINFKFYKHSMKFVAALSVLALLGTIYSIFILYRNRVPLNEIVIRALDLVTVVVPPALPAA
MTVCTLYAQSRLRRQGIFCIHPLRINLGGKLQLVCFDKTGTLTEDGLDVMGVVPLKGQAFLPLVPEPRRLPVGPLLRALA
TCHALSRLQDTPVGDPMDLKMVESTGWVLEEEPAADSAFGTQVLAVMRPPLWEPQLQAMEEPPVPVSVLHRFPFSSALQR
MSVVVAWPGATQPEAYVKGSPELVAGLCNPETVPTDFAQMLQSYTAAGYRVVALASKPLPTVPSLEAAQQLTRDTVEGDL
SLLGLLVMRNLLKPQTTPVIQALRRTRIRAVMVTGDNLQTAVTVARGCGMVAPQEHLIIVHATHPERGQPASLEFLPMES
PTAVNGVKDPDQAASYTVEPDPRSRHLALSGPTFGIIVKHFPKLLPKVLVQGTVFARMAPEQKTELVCELQKLQYCVGMC
GDGANDCGALKAADVGISLSQAEASVVSPFTSSMASIECVPMVIREGRCSLDTSFSVFKYMALYSLTQFISVLILYTINT
NLGDLQFLAIDLVITTTVAVLMSRTGPALVLGRVRPPGALLSVPVLSSLLLQMVLVTGVQLGGYFLTLAQPWFVPLNRTV
AAPDNLPNYENTVVFSLSSFQYLILAAAVSKGAPFRRPLYTNVPFLVALALLSSVLVGLVLVPGLLQGPLALRNITDTGF
KLLLLGLVTLNFVGAFMLESVLDQCLPACLRRLRPKRASKKRFKQLERELAEQPWPPLPAGPLR
;
_entity_poly.pdbx_strand_id   A
#
loop_
_chem_comp.id
_chem_comp.type
_chem_comp.name
_chem_comp.formula
ADP non-polymer ADENOSINE-5'-DIPHOSPHATE 'C10 H15 N5 O10 P2'
ALF non-polymer 'TETRAFLUOROALUMINATE ION' 'Al F4 -1'
MG non-polymer 'MAGNESIUM ION' 'Mg 2'
NAG D-saccharide, beta linking 2-acetamido-2-deoxy-beta-D-glucopyranose 'C8 H15 N O6'
#
# COMPACT_ATOMS: atom_id res chain seq x y z
N GLN A 184 34.12 3.28 -24.41
CA GLN A 184 33.79 4.62 -25.02
C GLN A 184 32.44 5.08 -24.44
N ALA A 185 31.35 4.40 -24.77
CA ALA A 185 29.96 4.66 -24.34
C ALA A 185 29.45 3.48 -23.50
N PHE A 186 28.87 3.76 -22.32
CA PHE A 186 28.36 2.73 -21.36
C PHE A 186 27.13 2.05 -21.98
N TYR A 187 26.99 0.73 -21.76
CA TYR A 187 25.86 -0.12 -22.23
C TYR A 187 25.17 -0.73 -21.02
N GLN A 188 23.82 -0.75 -21.03
CA GLN A 188 22.98 -1.27 -19.90
C GLN A 188 23.17 -2.80 -19.83
N VAL A 189 23.31 -3.37 -18.63
CA VAL A 189 23.45 -4.85 -18.39
C VAL A 189 22.31 -5.63 -19.08
N SER A 190 21.07 -5.12 -18.98
CA SER A 190 19.87 -5.64 -19.71
C SER A 190 20.13 -5.60 -21.22
N LEU A 191 20.60 -4.45 -21.73
CA LEU A 191 20.99 -4.24 -23.16
C LEU A 191 22.12 -5.22 -23.55
N LEU A 192 23.09 -5.47 -22.66
CA LEU A 192 24.17 -6.49 -22.84
C LEU A 192 23.57 -7.89 -23.01
N ASP A 193 22.55 -8.26 -22.22
CA ASP A 193 21.96 -9.64 -22.17
C ASP A 193 20.43 -9.57 -22.35
N HIS A 194 19.96 -8.96 -23.46
CA HIS A 194 18.52 -8.92 -23.88
C HIS A 194 18.22 -9.93 -25.01
N GLY A 195 19.15 -10.21 -25.93
CA GLY A 195 18.95 -11.03 -27.14
C GLY A 195 19.46 -12.45 -27.03
N ARG A 196 19.61 -13.01 -25.82
CA ARG A 196 20.30 -14.31 -25.58
C ARG A 196 19.34 -15.42 -26.06
N SER A 197 19.87 -16.38 -26.83
CA SER A 197 19.11 -17.56 -27.31
C SER A 197 18.78 -18.56 -26.20
N CYS A 198 17.67 -19.30 -26.37
CA CYS A 198 17.35 -20.52 -25.54
C CYS A 198 18.59 -21.44 -25.49
N ASP A 199 19.21 -21.69 -26.65
CA ASP A 199 20.50 -22.40 -26.81
C ASP A 199 21.61 -21.66 -26.03
N ASP A 200 21.72 -20.32 -26.19
CA ASP A 200 22.77 -19.47 -25.56
C ASP A 200 22.80 -19.65 -24.04
N VAL A 201 21.64 -19.78 -23.37
CA VAL A 201 21.58 -19.99 -21.88
C VAL A 201 22.28 -21.34 -21.59
N HIS A 202 22.04 -22.38 -22.41
CA HIS A 202 22.73 -23.69 -22.31
C HIS A 202 24.23 -23.53 -22.63
N ARG A 203 24.59 -22.73 -23.65
CA ARG A 203 26.01 -22.37 -23.99
C ARG A 203 26.71 -21.76 -22.77
N SER A 204 26.03 -20.84 -22.07
CA SER A 204 26.50 -20.18 -20.83
C SER A 204 26.75 -21.20 -19.70
N ARG A 205 25.92 -22.26 -19.60
CA ARG A 205 26.08 -23.37 -18.60
C ARG A 205 27.45 -24.04 -18.79
N HIS A 206 28.07 -24.43 -17.67
CA HIS A 206 29.49 -24.87 -17.56
C HIS A 206 30.40 -23.73 -18.06
N GLY A 207 30.18 -22.52 -17.53
CA GLY A 207 30.99 -21.32 -17.81
C GLY A 207 32.36 -21.40 -17.15
N LEU A 208 33.27 -20.49 -17.54
CA LEU A 208 34.72 -20.54 -17.18
C LEU A 208 34.88 -20.25 -15.67
N SER A 209 35.87 -20.88 -15.03
CA SER A 209 36.03 -20.93 -13.56
C SER A 209 36.44 -19.57 -12.95
N LEU A 210 37.41 -18.82 -13.53
CA LEU A 210 38.08 -17.68 -12.84
C LEU A 210 38.26 -16.45 -13.77
N GLN A 211 39.06 -16.54 -14.83
CA GLN A 211 39.48 -15.39 -15.70
C GLN A 211 38.25 -14.64 -16.24
N ASP A 212 37.33 -15.37 -16.90
CA ASP A 212 36.01 -14.86 -17.40
C ASP A 212 35.20 -14.32 -16.20
N GLN A 213 35.12 -15.10 -15.11
CA GLN A 213 34.40 -14.75 -13.84
C GLN A 213 34.83 -13.34 -13.40
N MET A 214 36.14 -13.12 -13.23
CA MET A 214 36.76 -11.86 -12.71
C MET A 214 36.36 -10.69 -13.63
N VAL A 215 36.62 -10.82 -14.94
CA VAL A 215 36.35 -9.72 -15.94
C VAL A 215 34.84 -9.44 -16.00
N ARG A 216 33.98 -10.47 -16.06
CA ARG A 216 32.49 -10.32 -16.07
C ARG A 216 32.03 -9.68 -14.76
N LYS A 217 32.54 -10.14 -13.61
CA LYS A 217 32.22 -9.61 -12.25
C LYS A 217 32.63 -8.14 -12.15
N ALA A 218 33.83 -7.78 -12.65
CA ALA A 218 34.33 -6.38 -12.72
C ALA A 218 33.37 -5.51 -13.56
N ILE A 219 32.97 -5.98 -14.75
CA ILE A 219 32.08 -5.24 -15.70
C ILE A 219 30.69 -5.07 -15.06
N TYR A 220 30.09 -6.16 -14.56
CA TYR A 220 28.72 -6.16 -13.93
C TYR A 220 28.73 -5.38 -12.61
N GLY A 221 29.79 -5.50 -11.80
CA GLY A 221 29.90 -5.00 -10.41
C GLY A 221 29.53 -6.07 -9.38
N PRO A 222 29.88 -5.90 -8.07
CA PRO A 222 29.69 -6.93 -7.06
C PRO A 222 28.20 -7.26 -6.79
N ASN A 223 27.87 -8.54 -6.57
CA ASN A 223 26.47 -9.03 -6.33
C ASN A 223 26.15 -8.74 -4.85
N VAL A 224 25.95 -7.46 -4.52
CA VAL A 224 25.62 -6.95 -3.17
C VAL A 224 24.52 -5.89 -3.29
N ILE A 225 23.56 -5.88 -2.36
CA ILE A 225 22.50 -4.84 -2.22
C ILE A 225 23.15 -3.47 -1.98
N SER A 226 22.74 -2.44 -2.74
CA SER A 226 23.29 -1.06 -2.70
C SER A 226 22.44 -0.20 -1.74
N ILE A 227 22.44 -0.55 -0.45
CA ILE A 227 21.94 0.28 0.69
C ILE A 227 23.18 0.85 1.37
N PRO A 228 23.46 2.19 1.30
CA PRO A 228 24.59 2.79 2.04
C PRO A 228 24.45 2.64 3.56
N VAL A 229 25.54 2.27 4.24
CA VAL A 229 25.64 2.03 5.71
C VAL A 229 26.34 3.24 6.32
N LYS A 230 25.69 3.92 7.28
CA LYS A 230 26.12 5.19 7.92
C LYS A 230 26.24 4.95 9.43
N SER A 231 27.42 5.21 10.02
CA SER A 231 27.70 5.05 11.48
C SER A 231 26.74 5.92 12.32
N TYR A 232 26.60 7.19 11.94
CA TYR A 232 25.73 8.28 12.51
C TYR A 232 26.18 9.63 11.95
N PRO A 233 27.42 10.14 12.24
CA PRO A 233 27.82 11.48 11.81
C PRO A 233 27.77 11.68 10.29
N GLN A 234 28.15 10.65 9.52
CA GLN A 234 27.92 10.50 8.04
C GLN A 234 26.50 10.97 7.67
N LEU A 235 25.46 10.50 8.39
CA LEU A 235 24.06 10.94 8.14
C LEU A 235 23.86 12.41 8.52
N LEU A 236 24.42 12.87 9.66
CA LEU A 236 24.11 14.20 10.28
C LEU A 236 24.39 15.35 9.29
N VAL A 237 25.60 15.39 8.69
CA VAL A 237 26.02 16.40 7.65
C VAL A 237 24.93 16.54 6.56
N ASP A 238 24.49 15.43 6.00
CA ASP A 238 23.44 15.37 4.92
C ASP A 238 22.12 15.91 5.51
N GLU A 239 21.75 15.37 6.68
CA GLU A 239 20.50 15.68 7.44
C GLU A 239 20.39 17.19 7.74
N ALA A 240 21.50 17.85 8.14
CA ALA A 240 21.53 19.29 8.52
C ALA A 240 21.34 20.24 7.33
N LEU A 241 21.46 19.79 6.06
CA LEU A 241 21.35 20.66 4.85
C LEU A 241 19.94 21.23 4.60
N ASN A 242 18.89 20.90 5.39
CA ASN A 242 17.48 21.33 5.17
C ASN A 242 17.38 22.85 5.41
N PRO A 243 16.62 23.62 4.59
CA PRO A 243 16.70 25.09 4.62
C PRO A 243 16.21 25.75 5.94
N TYR A 244 15.08 25.27 6.48
CA TYR A 244 14.52 25.59 7.83
C TYR A 244 15.65 25.57 8.90
N TYR A 245 16.52 24.55 8.86
CA TYR A 245 17.61 24.32 9.86
C TYR A 245 18.55 25.54 9.85
N GLY A 246 18.92 26.02 8.66
CA GLY A 246 19.67 27.26 8.42
C GLY A 246 18.99 28.48 9.01
N PHE A 247 17.70 28.67 8.72
CA PHE A 247 16.86 29.80 9.24
C PHE A 247 16.84 29.77 10.76
N GLN A 248 16.59 28.59 11.36
CA GLN A 248 16.58 28.40 12.84
C GLN A 248 17.95 28.69 13.43
N ALA A 249 19.04 28.23 12.79
CA ALA A 249 20.45 28.52 13.19
C ALA A 249 20.71 30.04 13.18
N PHE A 250 20.32 30.72 12.09
CA PHE A 250 20.34 32.21 11.95
C PHE A 250 19.54 32.85 13.11
N SER A 251 18.32 32.35 13.35
CA SER A 251 17.40 32.83 14.43
C SER A 251 18.11 32.72 15.78
N ILE A 252 18.72 31.57 16.10
CA ILE A 252 19.46 31.32 17.39
C ILE A 252 20.50 32.43 17.57
N ALA A 253 21.34 32.67 16.55
CA ALA A 253 22.38 33.73 16.52
C ALA A 253 21.76 35.12 16.74
N LEU A 254 20.69 35.46 15.99
CA LEU A 254 19.91 36.73 16.10
C LEU A 254 19.43 36.93 17.55
N TRP A 255 18.75 35.93 18.13
CA TRP A 255 18.22 35.97 19.52
C TRP A 255 19.38 36.07 20.53
N LEU A 256 20.51 35.39 20.28
CA LEU A 256 21.79 35.51 21.06
C LEU A 256 22.32 36.96 20.97
N ALA A 257 22.31 37.57 19.78
CA ALA A 257 22.72 38.99 19.56
C ALA A 257 21.77 39.94 20.32
N ASP A 258 20.46 39.67 20.30
CA ASP A 258 19.44 40.36 21.15
C ASP A 258 19.65 40.06 22.66
N HIS A 259 20.36 38.98 23.02
CA HIS A 259 20.72 38.54 24.40
C HIS A 259 19.51 37.85 25.09
N TYR A 260 18.51 37.36 24.33
CA TYR A 260 17.47 36.40 24.80
C TYR A 260 17.96 34.95 24.56
N TYR A 261 19.14 34.64 25.12
CA TYR A 261 19.72 33.29 25.40
C TYR A 261 18.67 32.21 25.67
N TRP A 262 17.74 32.41 26.62
CA TRP A 262 16.70 31.39 27.02
C TRP A 262 15.87 30.99 25.80
N TYR A 263 15.33 31.95 25.03
CA TYR A 263 14.51 31.64 23.84
C TYR A 263 15.35 30.86 22.83
N ALA A 264 16.61 31.28 22.62
CA ALA A 264 17.63 30.57 21.81
C ALA A 264 17.89 29.16 22.38
N LEU A 265 18.01 29.01 23.71
CA LEU A 265 18.22 27.69 24.40
C LEU A 265 17.09 26.72 24.01
N CYS A 266 15.83 27.19 24.05
CA CYS A 266 14.63 26.46 23.55
C CYS A 266 14.76 26.17 22.04
N ILE A 267 14.98 27.22 21.23
CA ILE A 267 14.92 27.16 19.73
C ILE A 267 15.89 26.08 19.23
N PHE A 268 17.12 26.02 19.77
CA PHE A 268 18.11 24.92 19.54
C PHE A 268 17.49 23.57 19.96
N LEU A 269 16.96 23.47 21.18
CA LEU A 269 16.50 22.19 21.81
C LEU A 269 15.37 21.57 20.95
N ILE A 270 14.39 22.39 20.54
CA ILE A 270 13.24 21.97 19.68
C ILE A 270 13.76 21.46 18.34
N SER A 271 14.70 22.18 17.70
CA SER A 271 15.40 21.76 16.46
C SER A 271 16.15 20.44 16.70
N SER A 272 16.80 20.29 17.87
CA SER A 272 17.53 19.05 18.30
C SER A 272 16.54 17.87 18.34
N ILE A 273 15.36 18.05 18.96
CA ILE A 273 14.27 17.03 18.98
C ILE A 273 13.86 16.72 17.53
N SER A 274 13.61 17.75 16.70
CA SER A 274 13.25 17.63 15.26
C SER A 274 14.27 16.73 14.55
N ILE A 275 15.57 17.04 14.71
CA ILE A 275 16.64 16.33 13.94
C ILE A 275 16.76 14.89 14.44
N CYS A 276 16.73 14.66 15.76
CA CYS A 276 16.75 13.30 16.39
C CYS A 276 15.59 12.45 15.85
N LEU A 277 14.37 13.00 15.84
CA LEU A 277 13.13 12.27 15.43
C LEU A 277 13.21 11.99 13.91
N SER A 278 13.59 12.99 13.10
CA SER A 278 13.83 12.82 11.63
C SER A 278 14.87 11.73 11.38
N LEU A 279 16.00 11.77 12.11
CA LEU A 279 17.10 10.77 12.03
C LEU A 279 16.51 9.39 12.34
N TYR A 280 15.82 9.22 13.48
CA TYR A 280 15.18 7.94 13.90
C TYR A 280 14.24 7.44 12.79
N LYS A 281 13.30 8.29 12.33
CA LYS A 281 12.33 8.04 11.22
C LYS A 281 13.07 7.50 9.99
N THR A 282 14.06 8.26 9.48
CA THR A 282 14.89 7.91 8.29
C THR A 282 15.62 6.59 8.54
N ARG A 283 16.27 6.45 9.70
CA ARG A 283 17.08 5.26 10.11
C ARG A 283 16.18 4.01 10.11
N LYS A 284 15.01 4.07 10.76
CA LYS A 284 14.00 2.97 10.86
C LYS A 284 13.57 2.54 9.45
N GLN A 285 13.18 3.50 8.58
CA GLN A 285 12.69 3.23 7.19
C GLN A 285 13.76 2.47 6.38
N SER A 286 15.03 2.88 6.43
CA SER A 286 16.16 2.17 5.77
C SER A 286 16.40 0.81 6.43
N GLN A 287 16.45 0.77 7.77
CA GLN A 287 16.76 -0.45 8.60
C GLN A 287 15.86 -1.64 8.23
N THR A 288 14.52 -1.46 8.14
CA THR A 288 13.55 -2.52 7.73
C THR A 288 13.99 -3.14 6.40
N LEU A 289 14.23 -2.29 5.39
CA LEU A 289 14.58 -2.68 3.97
C LEU A 289 15.94 -3.38 3.99
N ARG A 290 16.93 -2.79 4.68
CA ARG A 290 18.30 -3.34 4.87
C ARG A 290 18.24 -4.71 5.56
N ASP A 291 17.38 -4.88 6.58
CA ASP A 291 17.23 -6.16 7.35
C ASP A 291 16.70 -7.27 6.42
N MET A 292 15.74 -6.96 5.53
CA MET A 292 15.22 -7.91 4.46
C MET A 292 16.42 -8.41 3.63
N VAL A 293 17.21 -7.46 3.10
CA VAL A 293 18.32 -7.72 2.12
C VAL A 293 19.67 -8.06 2.79
N LYS A 294 19.77 -8.11 4.14
CA LYS A 294 20.99 -8.54 4.88
C LYS A 294 20.93 -10.07 5.04
N LEU A 295 21.29 -10.78 3.97
CA LEU A 295 21.45 -12.26 3.94
C LEU A 295 22.67 -12.65 3.07
N SER A 296 23.57 -13.46 3.62
CA SER A 296 24.78 -14.03 2.95
C SER A 296 25.01 -15.47 3.41
N MET A 297 25.35 -16.37 2.47
CA MET A 297 25.55 -17.84 2.72
C MET A 297 26.54 -18.40 1.70
N ARG A 298 27.33 -19.41 2.09
CA ARG A 298 28.37 -20.05 1.23
C ARG A 298 27.65 -20.82 0.11
N VAL A 299 28.11 -20.68 -1.15
CA VAL A 299 27.45 -21.21 -2.38
C VAL A 299 28.42 -22.16 -3.09
N CYS A 300 27.91 -23.33 -3.52
CA CYS A 300 28.59 -24.32 -4.39
C CYS A 300 28.49 -23.84 -5.84
N VAL A 301 29.63 -23.65 -6.53
CA VAL A 301 29.73 -23.05 -7.90
C VAL A 301 30.39 -24.08 -8.84
N CYS A 302 29.77 -24.32 -10.01
CA CYS A 302 30.21 -25.31 -11.04
C CYS A 302 31.22 -24.65 -12.00
N ARG A 303 32.43 -25.21 -12.07
CA ARG A 303 33.53 -24.88 -13.03
C ARG A 303 33.24 -25.59 -14.35
N PRO A 304 33.86 -25.16 -15.50
CA PRO A 304 33.51 -25.76 -16.79
C PRO A 304 33.84 -27.27 -16.82
N GLY A 305 34.98 -27.65 -16.23
CA GLY A 305 35.32 -29.04 -15.82
C GLY A 305 35.52 -29.14 -14.32
N GLY A 306 34.54 -28.71 -13.52
CA GLY A 306 34.59 -28.81 -12.04
C GLY A 306 33.27 -28.52 -11.34
N GLU A 307 33.20 -28.85 -10.04
CA GLU A 307 31.97 -28.75 -9.18
C GLU A 307 32.38 -28.28 -7.77
N GLU A 308 32.88 -27.04 -7.66
CA GLU A 308 33.40 -26.47 -6.38
C GLU A 308 32.23 -26.19 -5.42
N GLU A 309 32.51 -26.29 -4.11
CA GLU A 309 31.54 -26.23 -2.98
C GLU A 309 31.92 -25.08 -2.04
N TRP A 310 30.97 -24.18 -1.72
CA TRP A 310 31.11 -23.08 -0.72
C TRP A 310 32.27 -22.12 -1.09
N VAL A 311 32.50 -21.89 -2.38
CA VAL A 311 33.72 -21.19 -2.90
C VAL A 311 33.51 -19.68 -2.73
N ASP A 312 32.36 -19.15 -3.16
CA ASP A 312 32.03 -17.69 -3.14
C ASP A 312 30.50 -17.49 -3.08
N SER A 313 30.06 -16.26 -2.78
CA SER A 313 28.63 -15.83 -2.72
C SER A 313 28.45 -14.41 -3.31
N SER A 314 28.95 -13.38 -2.64
CA SER A 314 28.86 -11.95 -3.05
C SER A 314 29.55 -11.68 -4.40
N GLU A 315 30.49 -12.54 -4.82
CA GLU A 315 31.32 -12.45 -6.03
C GLU A 315 30.73 -13.34 -7.15
N LEU A 316 29.48 -13.87 -7.02
CA LEU A 316 28.87 -14.86 -7.97
C LEU A 316 28.86 -14.25 -9.39
N VAL A 317 29.34 -15.02 -10.37
CA VAL A 317 29.65 -14.49 -11.75
C VAL A 317 28.31 -14.28 -12.45
N PRO A 318 28.13 -13.18 -13.27
CA PRO A 318 26.85 -12.89 -13.94
C PRO A 318 26.22 -14.02 -14.76
N GLY A 319 27.05 -14.81 -15.45
CA GLY A 319 26.67 -16.05 -16.16
C GLY A 319 27.02 -17.32 -15.41
N ASP A 320 27.12 -17.31 -14.06
CA ASP A 320 27.63 -18.51 -13.31
C ASP A 320 26.58 -19.63 -13.40
N CYS A 321 27.05 -20.86 -13.55
CA CYS A 321 26.27 -22.13 -13.43
C CYS A 321 26.56 -22.74 -12.06
N LEU A 322 25.52 -23.06 -11.27
CA LEU A 322 25.64 -23.67 -9.91
C LEU A 322 24.67 -24.84 -9.72
N VAL A 323 25.06 -25.81 -8.89
CA VAL A 323 24.21 -26.95 -8.42
C VAL A 323 23.43 -26.45 -7.19
N LEU A 324 22.11 -26.56 -7.22
CA LEU A 324 21.22 -25.94 -6.19
C LEU A 324 21.16 -26.87 -4.97
N PRO A 325 20.97 -26.37 -3.71
CA PRO A 325 20.86 -27.25 -2.54
C PRO A 325 19.61 -28.15 -2.56
N GLN A 326 19.71 -29.34 -1.93
CA GLN A 326 18.71 -30.44 -1.98
C GLN A 326 17.37 -29.95 -1.37
N GLU A 327 17.40 -29.34 -0.19
CA GLU A 327 16.19 -28.93 0.59
C GLU A 327 16.47 -27.66 1.41
N GLY A 328 15.44 -26.81 1.57
CA GLY A 328 15.38 -25.62 2.45
C GLY A 328 16.51 -24.62 2.19
N GLY A 329 16.81 -24.34 0.92
CA GLY A 329 17.96 -23.52 0.46
C GLY A 329 17.50 -22.25 -0.22
N LEU A 330 17.79 -21.06 0.35
CA LEU A 330 17.54 -19.74 -0.29
C LEU A 330 18.41 -19.61 -1.55
N MET A 331 17.82 -19.13 -2.66
CA MET A 331 18.48 -18.96 -3.99
C MET A 331 19.05 -17.53 -4.06
N PRO A 332 20.39 -17.32 -4.21
CA PRO A 332 20.96 -15.96 -4.21
C PRO A 332 20.68 -15.08 -5.46
N CYS A 333 20.61 -15.67 -6.67
CA CYS A 333 20.55 -14.95 -7.98
C CYS A 333 19.38 -15.46 -8.84
N ASP A 334 18.93 -14.62 -9.77
CA ASP A 334 17.90 -14.95 -10.79
C ASP A 334 18.57 -15.81 -11.87
N ALA A 335 18.39 -17.14 -11.83
CA ALA A 335 19.12 -18.14 -12.66
C ALA A 335 18.16 -19.12 -13.34
N ALA A 336 18.24 -19.25 -14.67
CA ALA A 336 17.47 -20.23 -15.47
C ALA A 336 17.97 -21.64 -15.13
N LEU A 337 17.05 -22.59 -14.85
CA LEU A 337 17.37 -23.98 -14.43
C LEU A 337 17.66 -24.81 -15.69
N VAL A 338 18.90 -25.23 -15.89
CA VAL A 338 19.38 -25.84 -17.17
C VAL A 338 18.91 -27.32 -17.17
N ALA A 339 19.02 -28.02 -16.03
CA ALA A 339 18.66 -29.44 -15.84
C ALA A 339 18.00 -29.70 -14.48
N GLY A 340 17.09 -30.69 -14.42
CA GLY A 340 16.36 -31.14 -13.22
C GLY A 340 15.10 -30.32 -12.96
N GLU A 341 14.43 -30.58 -11.82
CA GLU A 341 13.18 -29.88 -11.37
C GLU A 341 13.35 -29.40 -9.93
N CYS A 342 12.76 -28.25 -9.59
CA CYS A 342 12.85 -27.57 -8.27
C CYS A 342 11.45 -27.25 -7.74
N MET A 343 11.22 -27.41 -6.43
CA MET A 343 10.03 -26.94 -5.67
C MET A 343 10.49 -25.78 -4.77
N VAL A 344 9.89 -24.59 -4.94
CA VAL A 344 10.38 -23.30 -4.33
C VAL A 344 9.18 -22.56 -3.70
N ASN A 345 9.41 -21.95 -2.54
CA ASN A 345 8.49 -20.97 -1.89
C ASN A 345 8.89 -19.57 -2.36
N GLU A 346 7.98 -18.88 -3.06
CA GLU A 346 8.17 -17.52 -3.63
C GLU A 346 7.26 -16.50 -2.91
N SER A 347 6.88 -16.77 -1.65
CA SER A 347 5.84 -16.03 -0.87
C SER A 347 6.15 -14.54 -0.82
N SER A 348 7.40 -14.19 -0.46
CA SER A 348 7.93 -12.79 -0.47
C SER A 348 7.86 -12.19 -1.89
N LEU A 349 8.30 -12.91 -2.91
CA LEU A 349 8.51 -12.36 -4.29
C LEU A 349 7.17 -12.10 -4.98
N THR A 350 6.28 -13.11 -5.02
CA THR A 350 5.00 -13.12 -5.79
C THR A 350 3.77 -12.98 -4.88
N GLY A 351 3.93 -12.81 -3.56
CA GLY A 351 2.79 -12.95 -2.62
C GLY A 351 2.26 -14.38 -2.55
N GLU A 352 3.02 -15.39 -3.00
CA GLU A 352 2.47 -16.76 -3.25
C GLU A 352 3.05 -17.76 -2.22
N SER A 353 2.31 -17.95 -1.12
CA SER A 353 2.62 -18.87 0.01
C SER A 353 2.73 -20.32 -0.47
N ILE A 354 1.81 -20.76 -1.32
CA ILE A 354 1.73 -22.15 -1.91
C ILE A 354 3.04 -22.47 -2.66
N PRO A 355 3.57 -23.72 -2.60
CA PRO A 355 4.83 -24.07 -3.28
C PRO A 355 4.70 -24.01 -4.81
N VAL A 356 5.72 -23.48 -5.50
CA VAL A 356 5.77 -23.30 -6.97
C VAL A 356 6.78 -24.31 -7.54
N LEU A 357 6.34 -25.10 -8.53
CA LEU A 357 7.19 -26.05 -9.31
C LEU A 357 8.08 -25.26 -10.29
N LYS A 358 9.32 -25.69 -10.47
CA LYS A 358 10.35 -25.15 -11.41
C LYS A 358 10.85 -26.34 -12.25
N THR A 359 11.16 -26.10 -13.54
CA THR A 359 11.47 -27.12 -14.58
C THR A 359 12.65 -26.67 -15.44
N ALA A 360 13.32 -27.64 -16.07
CA ALA A 360 14.52 -27.47 -16.93
C ALA A 360 14.15 -26.64 -18.18
N LEU A 361 15.02 -25.70 -18.58
CA LEU A 361 14.84 -24.85 -19.78
C LEU A 361 15.05 -25.71 -21.04
N PRO A 362 14.29 -25.52 -22.16
CA PRO A 362 14.57 -26.18 -23.44
C PRO A 362 15.40 -25.31 -24.40
N GLU A 363 16.65 -25.73 -24.67
CA GLU A 363 17.56 -25.19 -25.73
C GLU A 363 16.85 -25.16 -27.09
N GLY A 364 17.07 -24.07 -27.85
CA GLY A 364 16.37 -23.73 -29.09
C GLY A 364 17.07 -22.62 -29.85
N LEU A 365 16.88 -22.58 -31.18
CA LEU A 365 17.54 -21.62 -32.10
C LEU A 365 17.06 -20.19 -31.77
N GLY A 366 15.76 -20.04 -31.48
CA GLY A 366 15.11 -18.82 -30.96
C GLY A 366 15.75 -18.31 -29.66
N PRO A 367 16.05 -16.98 -29.56
CA PRO A 367 16.33 -16.29 -28.29
C PRO A 367 15.13 -15.63 -27.58
N TYR A 368 14.84 -16.12 -26.36
CA TYR A 368 13.86 -15.55 -25.38
C TYR A 368 14.51 -15.59 -23.99
N CYS A 369 14.29 -14.55 -23.19
CA CYS A 369 14.84 -14.40 -21.81
C CYS A 369 14.16 -15.42 -20.88
N ALA A 370 14.89 -15.87 -19.85
CA ALA A 370 14.39 -16.75 -18.75
C ALA A 370 13.17 -16.09 -18.08
N GLU A 371 13.25 -14.78 -17.79
CA GLU A 371 12.12 -13.90 -17.34
C GLU A 371 10.98 -13.94 -18.38
N THR A 372 11.29 -13.84 -19.68
CA THR A 372 10.29 -13.91 -20.79
C THR A 372 9.57 -15.27 -20.77
N HIS A 373 10.28 -16.38 -20.47
CA HIS A 373 9.66 -17.71 -20.16
C HIS A 373 8.83 -17.59 -18.88
N ARG A 374 9.37 -16.92 -17.86
CA ARG A 374 8.72 -16.55 -16.55
C ARG A 374 8.53 -17.79 -15.67
N ARG A 375 9.19 -18.92 -15.97
CA ARG A 375 9.01 -20.23 -15.28
C ARG A 375 10.36 -20.95 -15.10
N HIS A 376 11.20 -21.09 -16.13
CA HIS A 376 12.53 -21.79 -16.05
C HIS A 376 13.49 -21.02 -15.12
N THR A 377 13.43 -19.68 -15.13
CA THR A 377 14.12 -18.77 -14.16
C THR A 377 13.76 -19.13 -12.69
N LEU A 378 14.78 -19.15 -11.81
CA LEU A 378 14.65 -19.25 -10.33
C LEU A 378 15.10 -17.89 -9.77
N PHE A 379 14.23 -17.25 -9.00
CA PHE A 379 14.27 -15.80 -8.67
C PHE A 379 15.15 -15.66 -7.42
N CYS A 380 15.84 -14.52 -7.27
CA CYS A 380 16.72 -14.19 -6.10
C CYS A 380 15.87 -14.10 -4.81
N GLY A 381 16.44 -14.52 -3.68
CA GLY A 381 15.83 -14.47 -2.34
C GLY A 381 14.61 -15.37 -2.15
N THR A 382 14.40 -16.41 -2.98
CA THR A 382 13.28 -17.38 -2.89
C THR A 382 13.83 -18.69 -2.28
N LEU A 383 13.15 -19.21 -1.25
CA LEU A 383 13.51 -20.49 -0.57
C LEU A 383 13.19 -21.66 -1.51
N ILE A 384 14.07 -22.66 -1.60
CA ILE A 384 13.86 -23.94 -2.36
C ILE A 384 13.41 -24.98 -1.34
N LEU A 385 12.13 -25.36 -1.36
CA LEU A 385 11.55 -26.45 -0.51
C LEU A 385 12.27 -27.77 -0.79
N GLN A 386 12.42 -28.15 -2.07
CA GLN A 386 13.15 -29.38 -2.49
C GLN A 386 13.69 -29.21 -3.93
N ALA A 387 14.77 -29.93 -4.26
CA ALA A 387 15.44 -29.90 -5.59
C ALA A 387 15.80 -31.33 -6.03
N ARG A 388 15.31 -31.80 -7.19
CA ARG A 388 15.53 -33.20 -7.66
C ARG A 388 15.73 -33.25 -9.18
N ALA A 389 16.72 -34.05 -9.62
CA ALA A 389 17.07 -34.33 -11.04
C ALA A 389 16.79 -35.82 -11.32
N TYR A 390 15.64 -36.10 -11.94
CA TYR A 390 15.17 -37.44 -12.44
C TYR A 390 16.26 -38.14 -13.29
N VAL A 391 16.84 -37.43 -14.27
CA VAL A 391 17.85 -37.93 -15.26
C VAL A 391 19.24 -37.41 -14.83
N GLY A 392 19.38 -36.11 -14.55
CA GLY A 392 20.65 -35.47 -14.14
C GLY A 392 21.17 -35.97 -12.79
N PRO A 393 22.49 -35.86 -12.48
CA PRO A 393 23.01 -36.11 -11.13
C PRO A 393 22.44 -35.15 -10.06
N HIS A 394 22.38 -33.86 -10.39
CA HIS A 394 21.78 -32.79 -9.54
C HIS A 394 21.21 -31.65 -10.40
N VAL A 395 20.34 -30.83 -9.80
CA VAL A 395 19.74 -29.60 -10.43
C VAL A 395 20.83 -28.53 -10.62
N LEU A 396 20.99 -27.99 -11.83
CA LEU A 396 22.06 -27.01 -12.20
C LEU A 396 21.42 -25.82 -12.93
N ALA A 397 21.73 -24.59 -12.49
CA ALA A 397 21.12 -23.32 -12.98
C ALA A 397 22.19 -22.31 -13.39
N VAL A 398 21.91 -21.54 -14.46
CA VAL A 398 22.80 -20.50 -15.05
C VAL A 398 22.19 -19.13 -14.74
N VAL A 399 22.95 -18.21 -14.11
CA VAL A 399 22.47 -16.85 -13.68
C VAL A 399 22.18 -16.02 -14.93
N THR A 400 21.05 -15.29 -14.91
CA THR A 400 20.60 -14.31 -15.96
C THR A 400 20.79 -12.91 -15.33
N ARG A 401 19.73 -12.13 -15.11
CA ARG A 401 19.79 -10.71 -14.64
C ARG A 401 20.15 -10.77 -13.15
N THR A 402 21.20 -10.06 -12.73
CA THR A 402 21.77 -10.13 -11.35
C THR A 402 22.56 -8.86 -11.00
N GLY A 403 23.01 -8.76 -9.74
CA GLY A 403 23.75 -7.63 -9.15
C GLY A 403 22.88 -6.72 -8.26
N PHE A 404 21.79 -7.25 -7.66
CA PHE A 404 20.74 -6.55 -6.86
C PHE A 404 19.76 -5.71 -7.74
N CYS A 405 20.00 -5.51 -9.05
CA CYS A 405 19.19 -4.61 -9.93
C CYS A 405 17.95 -5.32 -10.51
N THR A 406 17.65 -6.59 -10.14
CA THR A 406 16.48 -7.37 -10.65
C THR A 406 15.85 -8.20 -9.51
N ALA A 407 14.54 -8.47 -9.64
CA ALA A 407 13.69 -9.29 -8.73
C ALA A 407 13.76 -8.70 -7.30
N LYS A 408 14.17 -9.46 -6.27
CA LYS A 408 14.04 -9.09 -4.83
C LYS A 408 14.54 -7.66 -4.61
N GLY A 409 15.71 -7.34 -5.17
CA GLY A 409 16.35 -6.02 -5.08
C GLY A 409 15.69 -5.00 -5.98
N GLY A 410 15.42 -5.33 -7.26
CA GLY A 410 14.60 -4.53 -8.20
C GLY A 410 13.39 -3.87 -7.54
N LEU A 411 12.72 -4.59 -6.63
CA LEU A 411 11.58 -4.06 -5.84
C LEU A 411 12.07 -3.24 -4.63
N VAL A 412 13.08 -3.70 -3.86
CA VAL A 412 13.70 -2.89 -2.74
C VAL A 412 14.26 -1.58 -3.33
N SER A 413 14.97 -1.66 -4.46
CA SER A 413 15.49 -0.52 -5.28
C SER A 413 14.34 0.43 -5.64
N SER A 414 13.16 -0.10 -5.98
CA SER A 414 11.90 0.69 -6.16
C SER A 414 11.56 1.47 -4.87
N ILE A 415 11.65 0.82 -3.69
CA ILE A 415 11.27 1.40 -2.37
C ILE A 415 12.23 2.58 -2.06
N LEU A 416 13.55 2.40 -2.30
CA LEU A 416 14.54 3.51 -2.31
C LEU A 416 14.22 4.45 -3.50
N HIS A 417 14.42 5.76 -3.36
CA HIS A 417 14.05 6.83 -4.34
C HIS A 417 12.68 6.53 -4.95
N PRO A 418 11.59 6.44 -4.13
CA PRO A 418 10.29 5.94 -4.59
C PRO A 418 9.51 6.89 -5.52
N ARG A 419 8.56 6.32 -6.27
CA ARG A 419 7.69 7.04 -7.25
C ARG A 419 6.81 8.07 -6.50
N PRO A 420 6.67 9.34 -7.00
CA PRO A 420 5.87 10.36 -6.31
C PRO A 420 4.36 10.28 -6.59
N ILE A 421 3.57 11.00 -5.79
CA ILE A 421 2.08 11.19 -5.96
C ILE A 421 1.91 12.57 -6.62
N ASN A 422 1.11 12.65 -7.68
CA ASN A 422 0.81 13.93 -8.41
C ASN A 422 -0.13 14.78 -7.55
N PHE A 423 -0.02 16.11 -7.67
CA PHE A 423 -0.89 17.15 -7.04
C PHE A 423 -0.84 16.99 -5.52
N LYS A 424 0.38 16.95 -4.95
CA LYS A 424 0.65 16.71 -3.50
C LYS A 424 0.11 17.90 -2.70
N PHE A 425 -0.69 17.64 -1.66
CA PHE A 425 -1.43 18.67 -0.85
C PHE A 425 -0.46 19.71 -0.26
N TYR A 426 0.82 19.40 0.00
CA TYR A 426 1.81 20.37 0.56
C TYR A 426 1.88 21.63 -0.32
N LYS A 427 1.77 21.52 -1.66
CA LYS A 427 1.67 22.68 -2.60
C LYS A 427 0.51 23.60 -2.22
N HIS A 428 -0.65 23.04 -1.86
CA HIS A 428 -1.89 23.78 -1.52
C HIS A 428 -1.66 24.47 -0.17
N SER A 429 -1.01 23.80 0.79
CA SER A 429 -0.56 24.39 2.09
C SER A 429 0.46 25.52 1.84
N MET A 430 1.43 25.31 0.93
CA MET A 430 2.44 26.34 0.51
C MET A 430 1.72 27.60 0.00
N LYS A 431 0.61 27.46 -0.76
CA LYS A 431 -0.25 28.60 -1.17
C LYS A 431 -0.81 29.28 0.09
N PHE A 432 -1.30 28.52 1.08
CA PHE A 432 -1.84 29.07 2.37
C PHE A 432 -0.75 29.83 3.14
N VAL A 433 0.50 29.34 3.14
CA VAL A 433 1.68 30.03 3.74
C VAL A 433 1.83 31.42 3.09
N ALA A 434 1.57 31.59 1.79
CA ALA A 434 1.63 32.89 1.07
C ALA A 434 0.62 33.89 1.67
N ALA A 435 -0.60 33.44 2.00
CA ALA A 435 -1.63 34.25 2.71
C ALA A 435 -1.07 34.74 4.06
N LEU A 436 -0.38 33.86 4.80
CA LEU A 436 0.31 34.22 6.08
C LEU A 436 1.49 35.17 5.80
N SER A 437 2.23 34.98 4.69
CA SER A 437 3.38 35.84 4.27
C SER A 437 2.94 37.30 4.10
N VAL A 438 1.74 37.55 3.54
CA VAL A 438 1.12 38.90 3.44
C VAL A 438 0.97 39.48 4.86
N LEU A 439 0.44 38.70 5.81
CA LEU A 439 0.24 39.12 7.24
C LEU A 439 1.61 39.42 7.88
N ALA A 440 2.62 38.57 7.65
CA ALA A 440 4.02 38.75 8.12
C ALA A 440 4.59 40.09 7.63
N LEU A 441 4.44 40.39 6.32
CA LEU A 441 4.87 41.68 5.69
C LEU A 441 4.10 42.85 6.32
N LEU A 442 2.76 42.75 6.42
CA LEU A 442 1.86 43.78 7.02
C LEU A 442 2.30 44.08 8.47
N GLY A 443 2.54 43.04 9.28
CA GLY A 443 3.11 43.14 10.64
C GLY A 443 4.44 43.88 10.65
N THR A 444 5.37 43.50 9.76
CA THR A 444 6.74 44.09 9.63
C THR A 444 6.66 45.59 9.34
N ILE A 445 5.78 46.03 8.42
CA ILE A 445 5.62 47.49 8.07
C ILE A 445 4.99 48.21 9.28
N TYR A 446 3.97 47.61 9.92
CA TYR A 446 3.34 48.13 11.17
C TYR A 446 4.44 48.36 12.22
N SER A 447 5.31 47.36 12.44
CA SER A 447 6.47 47.42 13.36
C SER A 447 7.37 48.60 12.98
N ILE A 448 7.75 48.71 11.68
CA ILE A 448 8.66 49.76 11.14
C ILE A 448 8.11 51.15 11.51
N PHE A 449 6.82 51.41 11.24
CA PHE A 449 6.11 52.68 11.59
C PHE A 449 6.23 52.90 13.12
N ILE A 450 5.88 51.88 13.93
CA ILE A 450 5.88 51.95 15.43
C ILE A 450 7.31 52.30 15.91
N LEU A 451 8.33 51.60 15.41
CA LEU A 451 9.78 51.81 15.75
C LEU A 451 10.23 53.22 15.33
N TYR A 452 9.90 53.65 14.11
CA TYR A 452 10.16 55.04 13.60
C TYR A 452 9.51 56.08 14.51
N ARG A 453 8.24 55.88 14.91
CA ARG A 453 7.52 56.73 15.91
C ARG A 453 8.22 56.68 17.26
N ASN A 454 8.61 55.48 17.73
CA ASN A 454 9.34 55.23 19.02
C ASN A 454 10.70 55.96 19.04
N ARG A 455 11.35 56.13 17.88
CA ARG A 455 12.68 56.76 17.69
C ARG A 455 13.80 55.91 18.33
N VAL A 456 13.63 54.58 18.33
CA VAL A 456 14.67 53.59 18.74
C VAL A 456 15.78 53.58 17.68
N PRO A 457 17.07 53.29 18.01
CA PRO A 457 18.15 53.30 17.01
C PRO A 457 17.90 52.35 15.83
N LEU A 458 18.15 52.80 14.58
CA LEU A 458 17.88 52.06 13.30
C LEU A 458 18.47 50.63 13.36
N ASN A 459 19.75 50.50 13.74
CA ASN A 459 20.44 49.23 14.11
C ASN A 459 19.57 48.37 15.05
N GLU A 460 19.03 48.96 16.12
CA GLU A 460 18.12 48.30 17.10
C GLU A 460 16.81 47.89 16.39
N ILE A 461 16.21 48.77 15.54
CA ILE A 461 14.88 48.53 14.91
C ILE A 461 14.96 47.28 14.00
N VAL A 462 16.09 47.11 13.28
CA VAL A 462 16.40 45.93 12.41
C VAL A 462 16.24 44.64 13.24
N ILE A 463 16.77 44.60 14.46
CA ILE A 463 16.73 43.42 15.38
C ILE A 463 15.25 43.12 15.70
N ARG A 464 14.44 44.15 15.94
CA ARG A 464 12.99 44.05 16.27
C ARG A 464 12.23 43.49 15.06
N ALA A 465 12.49 44.05 13.86
CA ALA A 465 11.92 43.58 12.56
C ALA A 465 12.30 42.10 12.32
N LEU A 466 13.58 41.76 12.48
CA LEU A 466 14.13 40.37 12.34
C LEU A 466 13.43 39.42 13.34
N ASP A 467 13.31 39.83 14.62
CA ASP A 467 12.58 39.06 15.67
C ASP A 467 11.13 38.83 15.24
N LEU A 468 10.44 39.87 14.75
CA LEU A 468 9.04 39.77 14.24
C LEU A 468 8.94 38.69 13.15
N VAL A 469 9.85 38.68 12.16
CA VAL A 469 9.87 37.68 11.05
C VAL A 469 10.14 36.28 11.64
N THR A 470 11.18 36.11 12.46
CA THR A 470 11.60 34.79 13.03
C THR A 470 10.46 34.21 13.91
N VAL A 471 9.82 35.03 14.76
CA VAL A 471 8.65 34.64 15.63
C VAL A 471 7.54 34.01 14.76
N VAL A 472 7.24 34.59 13.59
CA VAL A 472 6.16 34.13 12.65
C VAL A 472 6.46 32.69 12.20
N VAL A 473 7.74 32.34 11.99
CA VAL A 473 8.17 30.93 11.68
C VAL A 473 7.89 30.07 12.92
N PRO A 474 7.18 28.91 12.81
CA PRO A 474 6.94 28.01 13.94
C PRO A 474 8.06 26.97 14.11
N PRO A 475 8.74 26.87 15.28
CA PRO A 475 9.87 25.94 15.45
C PRO A 475 9.50 24.44 15.52
N ALA A 476 8.36 24.08 16.13
CA ALA A 476 7.94 22.68 16.43
C ALA A 476 7.11 22.04 15.30
N LEU A 477 6.71 22.79 14.24
CA LEU A 477 5.94 22.26 13.08
C LEU A 477 6.69 21.12 12.38
N PRO A 478 7.98 21.28 11.95
CA PRO A 478 8.68 20.24 11.18
C PRO A 478 8.73 18.85 11.85
N ALA A 479 9.00 18.82 13.17
CA ALA A 479 8.93 17.61 14.04
C ALA A 479 7.48 17.08 14.05
N ALA A 480 6.50 17.94 14.35
CA ALA A 480 5.07 17.58 14.53
C ALA A 480 4.53 16.80 13.32
N MET A 481 4.91 17.20 12.09
CA MET A 481 4.57 16.51 10.81
C MET A 481 5.11 15.07 10.79
N THR A 482 6.33 14.82 11.28
CA THR A 482 6.94 13.46 11.36
C THR A 482 6.17 12.60 12.37
N VAL A 483 5.90 13.17 13.56
CA VAL A 483 5.31 12.45 14.74
C VAL A 483 3.91 11.95 14.36
N CYS A 484 3.13 12.70 13.55
CA CYS A 484 1.82 12.29 12.95
C CYS A 484 1.95 10.92 12.26
N THR A 485 2.91 10.78 11.33
CA THR A 485 3.12 9.58 10.48
C THR A 485 3.58 8.41 11.37
N LEU A 486 4.66 8.64 12.12
CA LEU A 486 5.27 7.65 13.07
C LEU A 486 4.23 7.09 14.04
N TYR A 487 3.32 7.92 14.58
CA TYR A 487 2.20 7.46 15.44
C TYR A 487 1.23 6.56 14.64
N ALA A 488 0.92 6.91 13.37
CA ALA A 488 -0.02 6.13 12.51
C ALA A 488 0.61 4.78 12.13
N GLN A 489 1.89 4.74 11.72
CA GLN A 489 2.67 3.49 11.51
C GLN A 489 2.61 2.62 12.77
N SER A 490 2.84 3.22 13.95
CA SER A 490 2.68 2.58 15.30
C SER A 490 1.27 1.99 15.45
N ARG A 491 0.23 2.79 15.16
CA ARG A 491 -1.20 2.38 15.24
C ARG A 491 -1.47 1.19 14.31
N LEU A 492 -0.97 1.21 13.07
CA LEU A 492 -1.20 0.13 12.08
C LEU A 492 -0.39 -1.12 12.42
N ARG A 493 0.90 -1.01 12.79
CA ARG A 493 1.77 -2.17 13.19
C ARG A 493 1.06 -3.05 14.24
N ARG A 494 0.41 -2.42 15.22
CA ARG A 494 -0.39 -3.09 16.29
C ARG A 494 -1.63 -3.79 15.67
N GLN A 495 -2.34 -3.13 14.73
CA GLN A 495 -3.47 -3.73 13.96
C GLN A 495 -3.01 -4.87 13.01
N GLY A 496 -1.72 -4.98 12.69
CA GLY A 496 -1.12 -6.02 11.81
C GLY A 496 -0.90 -5.56 10.38
N ILE A 497 -1.38 -4.36 9.99
CA ILE A 497 -1.29 -3.83 8.58
C ILE A 497 0.11 -3.22 8.42
N PHE A 498 1.14 -4.06 8.30
CA PHE A 498 2.57 -3.63 8.18
C PHE A 498 2.71 -2.72 6.94
N CYS A 499 3.29 -1.53 7.12
CA CYS A 499 3.28 -0.42 6.12
C CYS A 499 4.71 -0.04 5.71
N ILE A 500 4.84 0.40 4.46
CA ILE A 500 6.06 1.04 3.86
C ILE A 500 5.55 2.30 3.12
N HIS A 501 6.45 3.27 2.88
CA HIS A 501 6.14 4.61 2.33
C HIS A 501 5.02 5.25 3.16
N PRO A 502 5.23 5.55 4.46
CA PRO A 502 4.14 6.01 5.35
C PRO A 502 3.38 7.27 4.88
N LEU A 503 4.00 8.10 4.02
CA LEU A 503 3.33 9.21 3.25
C LEU A 503 2.05 8.71 2.56
N ARG A 504 2.03 7.47 2.04
CA ARG A 504 0.84 6.87 1.35
C ARG A 504 -0.36 6.68 2.30
N ILE A 505 -0.21 6.66 3.64
CA ILE A 505 -1.36 6.44 4.58
C ILE A 505 -2.43 7.51 4.36
N ASN A 506 -2.05 8.78 4.15
CA ASN A 506 -2.95 9.92 3.80
C ASN A 506 -3.66 9.64 2.46
N LEU A 507 -2.91 9.11 1.47
CA LEU A 507 -3.46 8.71 0.13
C LEU A 507 -4.63 7.75 0.32
N GLY A 508 -4.50 6.78 1.25
CA GLY A 508 -5.58 5.92 1.79
C GLY A 508 -6.87 6.67 2.09
N GLY A 509 -6.77 7.80 2.80
CA GLY A 509 -7.87 8.72 3.14
C GLY A 509 -8.74 9.13 1.96
N LYS A 510 -8.13 9.33 0.78
CA LYS A 510 -8.75 9.90 -0.44
C LYS A 510 -9.29 8.83 -1.40
N LEU A 511 -9.07 7.51 -1.18
CA LEU A 511 -9.37 6.48 -2.22
C LEU A 511 -10.89 6.44 -2.49
N GLN A 512 -11.29 6.34 -3.76
CA GLN A 512 -12.70 6.49 -4.25
C GLN A 512 -13.31 5.15 -4.72
N LEU A 513 -12.49 4.23 -5.28
CA LEU A 513 -12.92 2.83 -5.63
C LEU A 513 -11.90 1.84 -5.05
N VAL A 514 -12.33 0.71 -4.49
CA VAL A 514 -11.42 -0.40 -4.04
C VAL A 514 -11.74 -1.65 -4.86
N CYS A 515 -10.87 -1.96 -5.83
CA CYS A 515 -10.80 -3.27 -6.54
C CYS A 515 -10.49 -4.40 -5.56
N PHE A 516 -11.11 -5.57 -5.78
CA PHE A 516 -10.93 -6.82 -5.00
C PHE A 516 -10.82 -8.04 -5.92
N ASP A 517 -10.25 -9.14 -5.41
CA ASP A 517 -10.12 -10.46 -6.08
C ASP A 517 -11.17 -11.41 -5.47
N LYS A 518 -11.53 -12.47 -6.21
CA LYS A 518 -12.60 -13.43 -5.82
C LYS A 518 -12.08 -14.48 -4.81
N THR A 519 -11.03 -15.23 -5.15
CA THR A 519 -10.60 -16.46 -4.40
C THR A 519 -9.42 -16.16 -3.49
N GLY A 520 -9.55 -16.51 -2.20
CA GLY A 520 -8.56 -16.21 -1.14
C GLY A 520 -8.70 -14.81 -0.54
N THR A 521 -9.60 -13.95 -1.04
CA THR A 521 -9.87 -12.59 -0.48
C THR A 521 -11.39 -12.46 -0.23
N LEU A 522 -12.21 -12.17 -1.26
CA LEU A 522 -13.69 -12.06 -1.07
C LEU A 522 -14.29 -13.40 -0.58
N THR A 523 -13.81 -14.54 -1.11
CA THR A 523 -14.23 -15.92 -0.70
C THR A 523 -13.19 -16.47 0.30
N GLU A 524 -13.25 -17.78 0.62
CA GLU A 524 -12.37 -18.49 1.59
C GLU A 524 -11.36 -19.34 0.82
N ASP A 525 -10.07 -19.26 1.17
CA ASP A 525 -9.01 -20.14 0.60
C ASP A 525 -9.24 -21.55 1.17
N GLY A 526 -9.09 -22.60 0.35
CA GLY A 526 -9.47 -23.99 0.66
C GLY A 526 -10.93 -24.30 0.32
N LEU A 527 -11.18 -25.37 -0.45
CA LEU A 527 -12.46 -25.65 -1.15
C LEU A 527 -12.73 -27.17 -1.17
N ASP A 528 -13.89 -27.62 -0.66
CA ASP A 528 -14.33 -29.03 -0.79
C ASP A 528 -14.69 -29.32 -2.26
N VAL A 529 -14.26 -30.47 -2.78
CA VAL A 529 -14.65 -31.02 -4.11
C VAL A 529 -16.09 -31.56 -3.97
N MET A 530 -17.06 -30.90 -4.62
CA MET A 530 -18.51 -31.28 -4.57
C MET A 530 -18.79 -32.33 -5.67
N GLY A 531 -17.98 -33.39 -5.73
CA GLY A 531 -18.05 -34.45 -6.76
C GLY A 531 -17.51 -34.04 -8.13
N VAL A 532 -17.65 -34.95 -9.11
CA VAL A 532 -17.21 -34.80 -10.53
C VAL A 532 -18.35 -35.30 -11.45
N VAL A 533 -18.46 -34.72 -12.66
CA VAL A 533 -19.48 -35.10 -13.70
C VAL A 533 -18.69 -35.81 -14.81
N PRO A 534 -18.96 -37.12 -15.10
CA PRO A 534 -18.41 -37.83 -16.26
C PRO A 534 -19.35 -37.90 -17.49
N LEU A 535 -18.80 -38.15 -18.69
CA LEU A 535 -19.55 -38.14 -19.99
C LEU A 535 -19.44 -39.53 -20.65
N LYS A 536 -20.58 -40.19 -20.97
CA LYS A 536 -20.61 -41.59 -21.49
C LYS A 536 -20.03 -41.58 -22.91
N GLY A 537 -20.62 -40.77 -23.79
CA GLY A 537 -20.18 -40.48 -25.17
C GLY A 537 -20.05 -38.99 -25.35
N GLN A 538 -20.80 -38.41 -26.30
CA GLN A 538 -21.05 -36.93 -26.35
C GLN A 538 -21.82 -36.51 -25.08
N ALA A 539 -22.81 -37.31 -24.64
CA ALA A 539 -23.73 -36.99 -23.52
C ALA A 539 -22.99 -37.01 -22.16
N PHE A 540 -23.45 -36.16 -21.23
CA PHE A 540 -23.00 -36.08 -19.81
C PHE A 540 -23.85 -37.04 -18.95
N LEU A 541 -23.21 -37.91 -18.17
CA LEU A 541 -23.86 -38.80 -17.15
C LEU A 541 -24.11 -38.01 -15.87
N PRO A 542 -25.01 -38.48 -14.94
CA PRO A 542 -25.25 -37.79 -13.67
C PRO A 542 -24.00 -37.71 -12.76
N LEU A 543 -23.91 -36.63 -11.97
CA LEU A 543 -22.75 -36.31 -11.10
C LEU A 543 -22.59 -37.39 -10.02
N VAL A 544 -21.34 -37.81 -9.76
CA VAL A 544 -20.99 -38.77 -8.67
C VAL A 544 -20.68 -37.91 -7.44
N PRO A 545 -21.38 -38.07 -6.27
CA PRO A 545 -21.08 -37.28 -5.06
C PRO A 545 -19.62 -37.40 -4.59
N GLU A 546 -19.09 -38.63 -4.57
CA GLU A 546 -17.74 -38.99 -4.06
C GLU A 546 -16.91 -39.52 -5.25
N PRO A 547 -15.78 -38.88 -5.65
CA PRO A 547 -14.97 -39.36 -6.78
C PRO A 547 -14.43 -40.80 -6.69
N ARG A 548 -14.25 -41.36 -5.48
CA ARG A 548 -13.75 -42.75 -5.20
C ARG A 548 -14.53 -43.81 -6.00
N ARG A 549 -15.88 -43.75 -6.02
CA ARG A 549 -16.77 -44.80 -6.60
C ARG A 549 -16.94 -44.46 -8.09
N LEU A 550 -15.92 -44.78 -8.92
CA LEU A 550 -15.91 -44.58 -10.40
C LEU A 550 -15.02 -45.62 -11.08
N PRO A 551 -15.29 -46.01 -12.37
CA PRO A 551 -14.55 -47.10 -13.01
C PRO A 551 -13.08 -46.76 -13.33
N VAL A 552 -12.19 -47.77 -13.25
CA VAL A 552 -10.72 -47.60 -13.52
C VAL A 552 -10.56 -47.33 -15.03
N GLY A 553 -9.71 -46.36 -15.39
CA GLY A 553 -9.63 -45.77 -16.74
C GLY A 553 -9.17 -44.31 -16.73
N PRO A 554 -9.53 -43.46 -17.73
CA PRO A 554 -8.91 -42.14 -17.90
C PRO A 554 -9.21 -41.10 -16.80
N LEU A 555 -10.49 -40.92 -16.44
CA LEU A 555 -10.97 -39.85 -15.51
C LEU A 555 -10.38 -40.02 -14.11
N LEU A 556 -10.38 -41.24 -13.56
CA LEU A 556 -9.77 -41.55 -12.23
C LEU A 556 -8.28 -41.19 -12.26
N ARG A 557 -7.54 -41.69 -13.27
CA ARG A 557 -6.08 -41.43 -13.46
C ARG A 557 -5.83 -39.93 -13.58
N ALA A 558 -6.61 -39.21 -14.40
CA ALA A 558 -6.50 -37.74 -14.63
C ALA A 558 -6.72 -36.99 -13.32
N LEU A 559 -7.83 -37.29 -12.62
CA LEU A 559 -8.17 -36.70 -11.28
C LEU A 559 -7.01 -36.89 -10.29
N ALA A 560 -6.38 -38.07 -10.27
CA ALA A 560 -5.25 -38.41 -9.37
C ALA A 560 -3.94 -37.73 -9.81
N THR A 561 -3.60 -37.74 -11.11
CA THR A 561 -2.23 -37.42 -11.64
C THR A 561 -2.08 -35.97 -12.13
N CYS A 562 -3.17 -35.21 -12.41
CA CYS A 562 -3.10 -33.86 -13.07
C CYS A 562 -2.32 -32.85 -12.20
N HIS A 563 -2.50 -32.88 -10.87
CA HIS A 563 -1.82 -31.99 -9.88
C HIS A 563 -0.29 -32.00 -10.02
N ALA A 564 0.37 -30.94 -9.53
CA ALA A 564 1.84 -30.87 -9.33
C ALA A 564 2.22 -30.93 -7.83
N LEU A 565 1.43 -31.61 -6.98
CA LEU A 565 1.74 -31.87 -5.53
C LEU A 565 3.12 -32.56 -5.38
N SER A 566 3.88 -32.13 -4.37
CA SER A 566 5.15 -32.76 -3.89
C SER A 566 5.01 -33.18 -2.43
N ARG A 567 5.87 -34.10 -1.98
CA ARG A 567 5.83 -34.69 -0.60
C ARG A 567 6.83 -33.94 0.29
N LEU A 568 6.33 -33.15 1.24
CA LEU A 568 7.12 -32.58 2.38
C LEU A 568 7.27 -33.68 3.44
N GLN A 569 8.09 -33.41 4.47
CA GLN A 569 8.37 -34.36 5.61
C GLN A 569 7.05 -34.92 6.14
N ASP A 570 6.81 -36.21 5.88
CA ASP A 570 5.60 -37.01 6.27
C ASP A 570 4.28 -36.34 5.81
N THR A 571 4.27 -35.57 4.69
CA THR A 571 3.04 -34.86 4.22
C THR A 571 3.10 -34.59 2.69
N PRO A 572 1.95 -34.28 2.02
CA PRO A 572 1.93 -33.65 0.69
C PRO A 572 1.58 -32.15 0.66
N VAL A 573 2.33 -31.34 -0.12
CA VAL A 573 2.20 -29.85 -0.25
C VAL A 573 1.82 -29.51 -1.69
N GLY A 574 0.72 -28.73 -1.86
CA GLY A 574 0.26 -28.20 -3.17
C GLY A 574 -0.83 -27.16 -3.06
N ASP A 575 -1.36 -26.74 -4.21
CA ASP A 575 -2.43 -25.70 -4.33
C ASP A 575 -3.70 -26.25 -3.67
N PRO A 576 -4.48 -25.46 -2.89
CA PRO A 576 -5.57 -26.01 -2.06
C PRO A 576 -6.58 -26.82 -2.89
N MET A 577 -7.00 -26.26 -4.04
CA MET A 577 -7.79 -26.96 -5.10
C MET A 577 -7.16 -28.32 -5.48
N ASP A 578 -5.91 -28.37 -5.96
CA ASP A 578 -5.29 -29.63 -6.47
C ASP A 578 -5.14 -30.65 -5.32
N LEU A 579 -4.74 -30.19 -4.12
CA LEU A 579 -4.64 -31.02 -2.86
C LEU A 579 -6.00 -31.64 -2.48
N LYS A 580 -7.07 -30.83 -2.40
CA LYS A 580 -8.45 -31.31 -2.06
C LYS A 580 -8.93 -32.34 -3.10
N MET A 581 -8.64 -32.14 -4.39
CA MET A 581 -9.01 -33.09 -5.51
C MET A 581 -8.38 -34.47 -5.25
N VAL A 582 -7.06 -34.55 -5.06
CA VAL A 582 -6.34 -35.86 -4.95
C VAL A 582 -6.76 -36.60 -3.67
N GLU A 583 -6.93 -35.88 -2.55
CA GLU A 583 -7.46 -36.47 -1.28
C GLU A 583 -8.88 -37.02 -1.53
N SER A 584 -9.71 -36.34 -2.35
CA SER A 584 -11.06 -36.82 -2.76
C SER A 584 -10.97 -38.11 -3.58
N THR A 585 -9.99 -38.25 -4.50
CA THR A 585 -9.77 -39.50 -5.30
C THR A 585 -9.46 -40.68 -4.37
N GLY A 586 -8.65 -40.45 -3.32
CA GLY A 586 -8.16 -41.48 -2.37
C GLY A 586 -6.80 -42.07 -2.75
N TRP A 587 -6.26 -41.79 -3.94
CA TRP A 587 -4.88 -42.17 -4.37
C TRP A 587 -3.87 -41.40 -3.52
N VAL A 588 -2.70 -42.02 -3.25
CA VAL A 588 -1.64 -41.50 -2.32
C VAL A 588 -0.33 -41.39 -3.09
N LEU A 589 0.37 -40.25 -2.98
CA LEU A 589 1.63 -39.95 -3.70
C LEU A 589 2.76 -40.82 -3.12
N GLU A 590 3.56 -41.47 -3.97
CA GLU A 590 4.75 -42.28 -3.54
C GLU A 590 5.88 -41.33 -3.09
N GLU A 591 6.82 -41.85 -2.29
CA GLU A 591 7.94 -41.09 -1.66
C GLU A 591 9.14 -41.04 -2.62
N GLU A 592 10.31 -40.56 -2.17
CA GLU A 592 11.60 -40.46 -2.91
C GLU A 592 11.92 -41.74 -3.71
N PRO A 593 11.99 -42.96 -3.10
CA PRO A 593 12.25 -44.19 -3.87
C PRO A 593 11.07 -44.63 -4.76
N GLY A 600 13.63 -46.50 -13.04
CA GLY A 600 13.67 -45.79 -14.34
C GLY A 600 14.63 -44.61 -14.35
N THR A 601 14.47 -43.71 -15.32
CA THR A 601 15.27 -42.47 -15.54
C THR A 601 14.36 -41.26 -15.25
N GLN A 602 13.62 -40.76 -16.26
CA GLN A 602 12.75 -39.56 -16.14
C GLN A 602 11.34 -40.02 -15.73
N VAL A 603 11.23 -40.53 -14.49
CA VAL A 603 9.97 -40.96 -13.81
C VAL A 603 9.90 -40.23 -12.46
N LEU A 604 8.78 -39.56 -12.17
CA LEU A 604 8.59 -38.64 -11.01
C LEU A 604 7.14 -38.68 -10.53
N ALA A 605 6.93 -38.38 -9.23
CA ALA A 605 5.61 -38.23 -8.56
C ALA A 605 4.70 -39.43 -8.88
N VAL A 606 5.23 -40.63 -8.65
CA VAL A 606 4.52 -41.93 -8.93
C VAL A 606 3.32 -41.98 -7.97
N MET A 607 2.14 -42.33 -8.49
CA MET A 607 0.84 -42.29 -7.77
C MET A 607 0.43 -43.72 -7.38
N ARG A 608 0.33 -43.99 -6.07
CA ARG A 608 -0.03 -45.32 -5.50
C ARG A 608 -1.55 -45.38 -5.41
N PRO A 609 -2.22 -46.50 -5.78
CA PRO A 609 -3.67 -46.64 -5.63
C PRO A 609 -4.10 -46.85 -4.17
N PRO A 610 -5.41 -46.63 -3.84
CA PRO A 610 -5.92 -46.94 -2.49
C PRO A 610 -5.80 -48.42 -2.07
N LEU A 611 -5.78 -49.35 -3.05
CA LEU A 611 -5.59 -50.83 -2.88
C LEU A 611 -6.77 -51.47 -2.12
N TRP A 612 -7.99 -50.88 -2.21
CA TRP A 612 -9.29 -51.47 -1.82
C TRP A 612 -10.04 -51.85 -3.10
N GLU A 613 -10.55 -53.09 -3.19
CA GLU A 613 -11.34 -53.64 -4.33
C GLU A 613 -12.71 -54.11 -3.83
N PRO A 614 -13.79 -54.05 -4.64
CA PRO A 614 -15.11 -54.55 -4.24
C PRO A 614 -15.16 -56.09 -4.26
N PRO A 622 -8.92 -52.71 -10.79
CA PRO A 622 -7.46 -52.94 -10.76
C PRO A 622 -6.69 -51.83 -10.04
N PRO A 623 -5.71 -52.11 -9.13
CA PRO A 623 -4.87 -51.07 -8.52
C PRO A 623 -4.07 -50.26 -9.55
N VAL A 624 -3.35 -50.94 -10.45
CA VAL A 624 -2.56 -50.40 -11.62
C VAL A 624 -1.91 -49.05 -11.25
N PRO A 625 -0.87 -49.02 -10.35
CA PRO A 625 -0.18 -47.77 -9.98
C PRO A 625 0.41 -47.06 -11.21
N VAL A 626 0.22 -45.73 -11.31
CA VAL A 626 0.50 -44.90 -12.52
C VAL A 626 1.61 -43.89 -12.19
N SER A 627 2.50 -43.61 -13.16
CA SER A 627 3.70 -42.75 -13.04
C SER A 627 3.67 -41.65 -14.12
N VAL A 628 3.98 -40.41 -13.72
CA VAL A 628 4.00 -39.20 -14.59
C VAL A 628 5.31 -39.25 -15.39
N LEU A 629 5.26 -38.92 -16.69
CA LEU A 629 6.41 -38.87 -17.62
C LEU A 629 6.87 -37.41 -17.82
N HIS A 630 5.93 -36.49 -18.11
CA HIS A 630 6.16 -35.02 -18.26
C HIS A 630 5.11 -34.23 -17.46
N ARG A 631 5.56 -33.26 -16.66
CA ARG A 631 4.75 -32.26 -15.89
C ARG A 631 4.78 -30.90 -16.59
N PHE A 632 3.62 -30.27 -16.83
CA PHE A 632 3.49 -28.87 -17.33
C PHE A 632 2.89 -28.00 -16.21
N PRO A 633 3.52 -26.85 -15.81
CA PRO A 633 3.01 -26.02 -14.72
C PRO A 633 1.76 -25.22 -15.14
N PHE A 634 1.01 -24.72 -14.16
CA PHE A 634 -0.20 -23.86 -14.33
C PHE A 634 0.25 -22.39 -14.22
N SER A 635 -0.07 -21.57 -15.24
CA SER A 635 0.08 -20.09 -15.28
C SER A 635 -1.32 -19.47 -15.35
N SER A 636 -1.60 -18.48 -14.49
CA SER A 636 -2.89 -17.71 -14.41
C SER A 636 -3.30 -17.20 -15.79
N ALA A 637 -2.38 -16.59 -16.55
CA ALA A 637 -2.57 -16.14 -17.95
C ALA A 637 -2.93 -17.32 -18.86
N LEU A 638 -2.24 -18.45 -18.72
CA LEU A 638 -2.38 -19.66 -19.59
C LEU A 638 -3.72 -20.38 -19.29
N GLN A 639 -4.17 -20.40 -18.02
CA GLN A 639 -5.50 -20.91 -17.55
C GLN A 639 -5.65 -22.43 -17.73
N ARG A 640 -4.57 -23.22 -17.75
CA ARG A 640 -4.63 -24.72 -17.73
C ARG A 640 -3.30 -25.32 -17.24
N MET A 641 -3.34 -26.61 -16.86
CA MET A 641 -2.16 -27.48 -16.57
C MET A 641 -2.32 -28.81 -17.31
N SER A 642 -1.19 -29.47 -17.61
CA SER A 642 -1.14 -30.78 -18.34
C SER A 642 -0.07 -31.72 -17.75
N VAL A 643 -0.31 -33.03 -17.88
CA VAL A 643 0.63 -34.13 -17.51
C VAL A 643 0.58 -35.24 -18.58
N VAL A 644 1.72 -35.92 -18.82
CA VAL A 644 1.83 -37.18 -19.62
C VAL A 644 2.04 -38.33 -18.61
N VAL A 645 1.20 -39.37 -18.65
CA VAL A 645 1.16 -40.49 -17.63
C VAL A 645 1.26 -41.84 -18.35
N ALA A 646 1.99 -42.79 -17.74
CA ALA A 646 2.22 -44.18 -18.22
C ALA A 646 2.00 -45.19 -17.08
N TRP A 647 1.59 -46.43 -17.42
CA TRP A 647 1.20 -47.51 -16.47
C TRP A 647 1.83 -48.85 -16.86
N PRO A 648 1.94 -49.84 -15.91
CA PRO A 648 2.46 -51.20 -16.20
C PRO A 648 1.76 -51.97 -17.33
N GLY A 649 0.48 -51.67 -17.62
CA GLY A 649 -0.25 -52.05 -18.85
C GLY A 649 0.53 -51.79 -20.12
N ALA A 650 1.34 -50.71 -20.16
CA ALA A 650 2.32 -50.38 -21.23
C ALA A 650 1.62 -50.18 -22.58
N THR A 651 0.50 -49.44 -22.57
CA THR A 651 -0.27 -49.00 -23.77
C THR A 651 0.40 -47.73 -24.34
N GLN A 652 -0.21 -47.10 -25.34
CA GLN A 652 0.20 -45.74 -25.82
C GLN A 652 0.04 -44.75 -24.67
N PRO A 653 1.06 -43.90 -24.32
CA PRO A 653 0.94 -42.94 -23.22
C PRO A 653 -0.23 -41.95 -23.39
N GLU A 654 -0.97 -41.63 -22.33
CA GLU A 654 -2.15 -40.72 -22.36
C GLU A 654 -1.77 -39.39 -21.68
N ALA A 655 -2.06 -38.27 -22.36
CA ALA A 655 -1.88 -36.88 -21.87
C ALA A 655 -3.21 -36.39 -21.28
N TYR A 656 -3.18 -35.89 -20.02
CA TYR A 656 -4.34 -35.35 -19.28
C TYR A 656 -4.14 -33.83 -19.06
N VAL A 657 -5.12 -33.00 -19.44
CA VAL A 657 -5.10 -31.51 -19.33
C VAL A 657 -6.28 -31.08 -18.45
N LYS A 658 -6.02 -30.47 -17.29
CA LYS A 658 -7.01 -29.86 -16.36
C LYS A 658 -6.92 -28.33 -16.50
N GLY A 659 -8.02 -27.65 -16.81
CA GLY A 659 -8.03 -26.19 -17.04
C GLY A 659 -9.41 -25.55 -16.95
N SER A 660 -9.46 -24.23 -17.19
CA SER A 660 -10.70 -23.41 -17.28
C SER A 660 -11.68 -24.05 -18.28
N PRO A 661 -13.00 -24.14 -18.00
CA PRO A 661 -13.93 -24.92 -18.84
C PRO A 661 -13.97 -24.47 -20.31
N GLU A 662 -14.06 -23.15 -20.53
CA GLU A 662 -14.24 -22.49 -21.86
C GLU A 662 -13.01 -22.80 -22.73
N LEU A 663 -11.81 -22.51 -22.21
CA LEU A 663 -10.52 -22.71 -22.93
C LEU A 663 -10.32 -24.21 -23.21
N VAL A 664 -10.56 -25.10 -22.23
CA VAL A 664 -10.35 -26.59 -22.38
C VAL A 664 -11.35 -27.14 -23.40
N ALA A 665 -12.64 -26.81 -23.26
CA ALA A 665 -13.73 -27.20 -24.21
C ALA A 665 -13.41 -26.70 -25.62
N GLY A 666 -13.00 -25.43 -25.76
CA GLY A 666 -12.50 -24.83 -27.02
C GLY A 666 -11.31 -25.57 -27.61
N LEU A 667 -10.31 -25.88 -26.78
CA LEU A 667 -9.06 -26.61 -27.18
C LEU A 667 -9.40 -28.04 -27.64
N CYS A 668 -10.37 -28.72 -27.01
CA CYS A 668 -10.83 -30.10 -27.38
C CYS A 668 -11.37 -30.13 -28.82
N ASN A 669 -11.08 -31.22 -29.55
CA ASN A 669 -11.66 -31.47 -30.90
C ASN A 669 -13.17 -31.60 -30.70
N PRO A 670 -14.05 -30.97 -31.52
CA PRO A 670 -15.50 -30.95 -31.28
C PRO A 670 -16.20 -32.26 -31.68
N GLU A 671 -15.75 -33.39 -31.11
CA GLU A 671 -16.23 -34.77 -31.32
C GLU A 671 -16.98 -35.21 -30.06
N THR A 672 -16.31 -35.13 -28.90
CA THR A 672 -16.86 -35.44 -27.54
C THR A 672 -17.59 -34.23 -26.91
N VAL A 673 -17.36 -32.99 -27.38
CA VAL A 673 -17.86 -31.74 -26.71
C VAL A 673 -19.39 -31.79 -26.79
N PRO A 674 -20.13 -31.84 -25.65
CA PRO A 674 -21.60 -31.92 -25.69
C PRO A 674 -22.25 -30.64 -26.23
N THR A 675 -23.34 -30.78 -27.01
CA THR A 675 -24.16 -29.69 -27.62
C THR A 675 -24.55 -28.63 -26.56
N ASP A 676 -24.95 -29.07 -25.36
CA ASP A 676 -25.45 -28.21 -24.25
C ASP A 676 -24.35 -28.00 -23.17
N PHE A 677 -23.05 -28.25 -23.46
CA PHE A 677 -21.90 -28.08 -22.53
C PHE A 677 -22.01 -26.76 -21.75
N ALA A 678 -22.17 -25.66 -22.50
CA ALA A 678 -22.32 -24.27 -22.01
C ALA A 678 -23.49 -24.18 -21.03
N GLN A 679 -24.66 -24.70 -21.41
CA GLN A 679 -25.91 -24.64 -20.59
C GLN A 679 -25.74 -25.49 -19.31
N MET A 680 -25.17 -26.70 -19.42
CA MET A 680 -24.91 -27.62 -18.28
C MET A 680 -23.91 -26.95 -17.31
N LEU A 681 -22.78 -26.45 -17.83
CA LEU A 681 -21.77 -25.66 -17.04
C LEU A 681 -22.46 -24.46 -16.36
N GLN A 682 -23.34 -23.74 -17.10
CA GLN A 682 -24.10 -22.55 -16.60
C GLN A 682 -24.83 -22.90 -15.29
N SER A 683 -25.41 -24.11 -15.16
CA SER A 683 -26.03 -24.62 -13.90
C SER A 683 -25.03 -24.55 -12.75
N TYR A 684 -23.81 -25.09 -12.96
CA TYR A 684 -22.74 -25.20 -11.94
C TYR A 684 -22.17 -23.82 -11.62
N THR A 685 -21.84 -23.00 -12.63
CA THR A 685 -21.27 -21.64 -12.44
C THR A 685 -22.31 -20.72 -11.77
N ALA A 686 -23.58 -20.74 -12.22
CA ALA A 686 -24.70 -19.93 -11.64
C ALA A 686 -24.93 -20.31 -10.17
N ALA A 687 -24.83 -21.60 -9.81
CA ALA A 687 -24.86 -22.10 -8.40
C ALA A 687 -23.71 -21.49 -7.57
N GLY A 688 -22.56 -21.20 -8.19
CA GLY A 688 -21.35 -20.61 -7.58
C GLY A 688 -20.24 -21.63 -7.31
N TYR A 689 -20.26 -22.79 -7.99
CA TYR A 689 -19.21 -23.84 -7.92
C TYR A 689 -18.14 -23.52 -8.96
N ARG A 690 -16.94 -23.13 -8.51
CA ARG A 690 -15.69 -23.09 -9.32
C ARG A 690 -15.54 -24.42 -10.06
N VAL A 691 -15.50 -24.36 -11.39
CA VAL A 691 -15.53 -25.56 -12.30
C VAL A 691 -14.23 -25.55 -13.12
N VAL A 692 -13.48 -26.66 -13.09
CA VAL A 692 -12.29 -26.93 -13.94
C VAL A 692 -12.61 -28.20 -14.77
N ALA A 693 -12.43 -28.12 -16.09
CA ALA A 693 -12.68 -29.22 -17.06
C ALA A 693 -11.37 -29.99 -17.28
N LEU A 694 -11.47 -31.32 -17.33
CA LEU A 694 -10.37 -32.26 -17.62
C LEU A 694 -10.60 -32.89 -19.00
N ALA A 695 -9.57 -32.84 -19.88
CA ALA A 695 -9.57 -33.41 -21.25
C ALA A 695 -8.39 -34.39 -21.38
N SER A 696 -8.63 -35.58 -21.95
CA SER A 696 -7.62 -36.66 -22.16
C SER A 696 -7.37 -36.87 -23.66
N LYS A 697 -6.11 -37.04 -24.06
CA LYS A 697 -5.68 -37.43 -25.44
C LYS A 697 -4.71 -38.61 -25.33
N PRO A 698 -4.99 -39.77 -25.96
CA PRO A 698 -3.96 -40.80 -26.18
C PRO A 698 -2.87 -40.26 -27.12
N LEU A 699 -1.61 -40.33 -26.67
CA LEU A 699 -0.40 -39.76 -27.34
C LEU A 699 0.40 -40.91 -27.96
N PRO A 700 0.71 -40.87 -29.29
CA PRO A 700 1.48 -41.93 -29.95
C PRO A 700 3.01 -41.72 -29.80
N THR A 701 3.54 -42.02 -28.60
CA THR A 701 4.99 -41.97 -28.24
C THR A 701 5.42 -43.28 -27.56
N VAL A 702 6.74 -43.50 -27.45
CA VAL A 702 7.35 -44.72 -26.83
C VAL A 702 7.24 -44.54 -25.31
N PRO A 703 6.51 -45.42 -24.57
CA PRO A 703 6.31 -45.23 -23.13
C PRO A 703 7.58 -45.48 -22.29
N SER A 704 7.67 -44.80 -21.14
CA SER A 704 8.79 -44.85 -20.13
C SER A 704 10.15 -44.57 -20.79
N LEU A 705 10.22 -43.60 -21.71
CA LEU A 705 11.48 -43.08 -22.34
C LEU A 705 11.60 -41.57 -22.09
N GLU A 706 12.67 -41.17 -21.37
CA GLU A 706 13.16 -39.77 -21.16
C GLU A 706 13.06 -38.92 -22.43
N ALA A 707 13.66 -39.40 -23.54
CA ALA A 707 13.65 -38.75 -24.88
C ALA A 707 12.19 -38.48 -25.31
N ALA A 708 11.32 -39.48 -25.17
CA ALA A 708 9.88 -39.42 -25.57
C ALA A 708 9.15 -38.33 -24.78
N GLN A 709 9.54 -38.07 -23.51
CA GLN A 709 8.96 -36.99 -22.65
C GLN A 709 9.03 -35.64 -23.38
N GLN A 710 10.17 -35.30 -24.01
CA GLN A 710 10.41 -34.00 -24.72
C GLN A 710 9.27 -33.79 -25.75
N LEU A 711 8.55 -32.67 -25.66
CA LEU A 711 7.29 -32.39 -26.42
C LEU A 711 6.93 -30.89 -26.37
N THR A 712 6.20 -30.41 -27.38
CA THR A 712 5.71 -29.00 -27.49
C THR A 712 4.44 -28.93 -26.63
N ARG A 713 4.39 -27.97 -25.68
CA ARG A 713 3.23 -27.73 -24.76
C ARG A 713 1.90 -27.66 -25.54
N ASP A 714 1.89 -26.92 -26.66
CA ASP A 714 0.74 -26.80 -27.60
C ASP A 714 0.38 -28.18 -28.18
N THR A 715 1.37 -28.96 -28.65
CA THR A 715 1.16 -30.31 -29.28
C THR A 715 0.49 -31.24 -28.25
N VAL A 716 0.93 -31.21 -26.99
CA VAL A 716 0.33 -31.99 -25.86
C VAL A 716 -1.11 -31.49 -25.62
N GLU A 717 -1.34 -30.17 -25.66
CA GLU A 717 -2.67 -29.52 -25.38
C GLU A 717 -3.45 -29.24 -26.68
N GLY A 718 -3.15 -29.93 -27.80
CA GLY A 718 -3.79 -29.71 -29.11
C GLY A 718 -5.10 -30.48 -29.20
N ASP A 719 -5.14 -31.52 -30.04
CA ASP A 719 -6.33 -32.41 -30.23
C ASP A 719 -6.63 -33.07 -28.88
N LEU A 720 -7.84 -32.88 -28.34
CA LEU A 720 -8.26 -33.35 -26.99
C LEU A 720 -9.71 -33.85 -27.01
N SER A 721 -10.01 -34.80 -26.12
CA SER A 721 -11.35 -35.41 -25.85
C SER A 721 -11.78 -34.98 -24.44
N LEU A 722 -12.85 -34.19 -24.31
CA LEU A 722 -13.39 -33.71 -23.00
C LEU A 722 -13.77 -34.95 -22.18
N LEU A 723 -13.32 -35.03 -20.92
CA LEU A 723 -13.38 -36.25 -20.05
C LEU A 723 -14.44 -36.02 -18.95
N GLY A 724 -14.32 -34.92 -18.22
CA GLY A 724 -15.28 -34.52 -17.16
C GLY A 724 -15.06 -33.11 -16.64
N LEU A 725 -16.03 -32.59 -15.87
CA LEU A 725 -15.97 -31.27 -15.21
C LEU A 725 -15.91 -31.51 -13.70
N LEU A 726 -14.85 -31.03 -13.01
CA LEU A 726 -14.79 -31.00 -11.53
C LEU A 726 -15.74 -29.91 -11.03
N VAL A 727 -16.34 -30.07 -9.84
CA VAL A 727 -17.31 -29.12 -9.23
C VAL A 727 -16.77 -28.73 -7.85
N MET A 728 -15.79 -27.83 -7.84
CA MET A 728 -15.11 -27.35 -6.61
C MET A 728 -16.07 -26.35 -5.95
N ARG A 729 -16.19 -26.32 -4.61
CA ARG A 729 -17.05 -25.34 -3.88
C ARG A 729 -16.15 -24.43 -3.03
N ASN A 730 -16.15 -23.12 -3.33
CA ASN A 730 -15.57 -22.02 -2.51
C ASN A 730 -16.71 -21.23 -1.87
N LEU A 731 -16.60 -20.95 -0.56
CA LEU A 731 -17.62 -20.31 0.31
C LEU A 731 -17.14 -18.90 0.70
N LEU A 732 -18.08 -17.95 0.87
CA LEU A 732 -17.74 -16.54 1.22
C LEU A 732 -17.16 -16.47 2.63
N LYS A 733 -16.02 -15.77 2.78
CA LYS A 733 -15.43 -15.39 4.10
C LYS A 733 -16.47 -14.61 4.91
N PRO A 734 -16.73 -14.91 6.22
CA PRO A 734 -17.84 -14.30 6.98
C PRO A 734 -17.90 -12.76 6.99
N GLN A 735 -16.72 -12.12 7.04
CA GLN A 735 -16.51 -10.67 7.29
C GLN A 735 -16.62 -9.91 5.95
N THR A 736 -16.28 -10.52 4.79
CA THR A 736 -16.39 -9.90 3.43
C THR A 736 -17.74 -9.20 3.26
N THR A 737 -18.85 -9.91 3.55
CA THR A 737 -20.25 -9.45 3.32
C THR A 737 -20.48 -8.14 4.08
N PRO A 738 -20.18 -8.04 5.40
CA PRO A 738 -20.15 -6.75 6.11
C PRO A 738 -19.33 -5.58 5.52
N VAL A 739 -18.03 -5.77 5.22
CA VAL A 739 -17.09 -4.64 4.88
C VAL A 739 -17.59 -3.99 3.56
N ILE A 740 -17.86 -4.80 2.53
CA ILE A 740 -18.39 -4.35 1.19
C ILE A 740 -19.67 -3.51 1.40
N GLN A 741 -20.59 -3.93 2.28
CA GLN A 741 -21.85 -3.19 2.61
C GLN A 741 -21.52 -1.81 3.19
N ALA A 742 -20.50 -1.70 4.06
CA ALA A 742 -20.02 -0.42 4.64
C ALA A 742 -19.36 0.44 3.55
N LEU A 743 -18.41 -0.12 2.78
CA LEU A 743 -17.71 0.59 1.66
C LEU A 743 -18.74 1.11 0.63
N ARG A 744 -19.77 0.32 0.31
CA ARG A 744 -20.91 0.78 -0.54
C ARG A 744 -21.71 1.89 0.19
N ARG A 745 -21.94 1.76 1.50
CA ARG A 745 -22.68 2.76 2.34
C ARG A 745 -21.93 4.11 2.37
N THR A 746 -20.59 4.10 2.49
CA THR A 746 -19.73 5.31 2.40
C THR A 746 -19.74 5.93 0.99
N ARG A 747 -20.19 5.19 -0.05
CA ARG A 747 -20.21 5.55 -1.50
C ARG A 747 -18.79 5.48 -2.11
N ILE A 748 -17.85 4.75 -1.48
CA ILE A 748 -16.62 4.23 -2.15
C ILE A 748 -17.05 2.97 -2.92
N ARG A 749 -17.10 3.01 -4.25
CA ARG A 749 -17.59 1.85 -5.06
C ARG A 749 -16.57 0.70 -4.96
N ALA A 750 -17.06 -0.54 -4.87
CA ALA A 750 -16.30 -1.81 -4.88
C ALA A 750 -16.42 -2.43 -6.27
N VAL A 751 -15.31 -2.55 -7.01
CA VAL A 751 -15.21 -3.33 -8.27
C VAL A 751 -14.55 -4.68 -7.94
N MET A 752 -15.05 -5.76 -8.56
CA MET A 752 -14.54 -7.14 -8.47
C MET A 752 -13.73 -7.40 -9.75
N VAL A 753 -12.46 -7.83 -9.65
CA VAL A 753 -11.58 -8.19 -10.80
C VAL A 753 -11.05 -9.61 -10.54
N THR A 754 -11.39 -10.58 -11.41
CA THR A 754 -11.23 -12.05 -11.18
C THR A 754 -10.78 -12.74 -12.47
N GLY A 755 -10.05 -13.86 -12.38
CA GLY A 755 -9.78 -14.79 -13.50
C GLY A 755 -10.80 -15.90 -13.68
N ASP A 756 -11.83 -16.02 -12.81
CA ASP A 756 -12.83 -17.13 -12.82
C ASP A 756 -14.00 -16.76 -13.75
N ASN A 757 -14.88 -17.73 -14.03
CA ASN A 757 -16.02 -17.60 -15.00
C ASN A 757 -16.99 -16.52 -14.52
N LEU A 758 -17.59 -15.79 -15.48
CA LEU A 758 -18.37 -14.54 -15.24
C LEU A 758 -19.56 -14.82 -14.31
N GLN A 759 -20.24 -15.96 -14.47
CA GLN A 759 -21.44 -16.36 -13.68
C GLN A 759 -21.05 -16.59 -12.20
N THR A 760 -19.95 -17.30 -11.91
CA THR A 760 -19.42 -17.53 -10.52
C THR A 760 -19.13 -16.18 -9.86
N ALA A 761 -18.36 -15.32 -10.55
CA ALA A 761 -18.05 -13.93 -10.14
C ALA A 761 -19.35 -13.13 -9.92
N VAL A 762 -20.36 -13.28 -10.79
CA VAL A 762 -21.70 -12.61 -10.63
C VAL A 762 -22.37 -13.16 -9.35
N THR A 763 -22.31 -14.47 -9.07
CA THR A 763 -22.92 -15.10 -7.87
C THR A 763 -22.22 -14.58 -6.59
N VAL A 764 -20.88 -14.57 -6.56
CA VAL A 764 -20.05 -14.03 -5.44
C VAL A 764 -20.42 -12.54 -5.25
N ALA A 765 -20.38 -11.75 -6.35
CA ALA A 765 -20.69 -10.29 -6.39
C ALA A 765 -22.11 -10.03 -5.84
N ARG A 766 -23.11 -10.79 -6.32
CA ARG A 766 -24.54 -10.68 -5.86
C ARG A 766 -24.61 -11.06 -4.37
N GLY A 767 -23.82 -12.07 -3.93
CA GLY A 767 -23.70 -12.52 -2.53
C GLY A 767 -23.14 -11.47 -1.58
N CYS A 768 -21.93 -10.94 -1.87
CA CYS A 768 -21.21 -9.92 -1.05
C CYS A 768 -22.04 -8.64 -0.91
N GLY A 769 -22.63 -8.17 -2.03
CA GLY A 769 -23.38 -6.90 -2.13
C GLY A 769 -22.65 -5.83 -2.95
N MET A 770 -21.65 -6.21 -3.79
CA MET A 770 -21.22 -5.40 -4.98
C MET A 770 -22.47 -4.96 -5.76
N VAL A 771 -23.34 -5.93 -6.06
CA VAL A 771 -24.65 -5.74 -6.78
C VAL A 771 -25.74 -6.19 -5.77
N ALA A 772 -26.56 -5.25 -5.30
CA ALA A 772 -27.68 -5.48 -4.33
C ALA A 772 -28.89 -6.01 -5.11
N PRO A 773 -29.90 -6.66 -4.46
CA PRO A 773 -31.02 -7.29 -5.18
C PRO A 773 -31.92 -6.33 -5.97
N GLN A 774 -32.21 -5.15 -5.39
CA GLN A 774 -32.78 -3.95 -6.07
C GLN A 774 -32.03 -3.59 -7.38
N GLU A 775 -30.69 -3.70 -7.41
CA GLU A 775 -29.85 -3.24 -8.55
C GLU A 775 -29.97 -4.20 -9.74
N HIS A 776 -29.62 -3.72 -10.94
CA HIS A 776 -29.72 -4.43 -12.25
C HIS A 776 -28.31 -4.61 -12.85
N LEU A 777 -27.99 -5.83 -13.30
CA LEU A 777 -26.69 -6.24 -13.88
C LEU A 777 -26.86 -6.53 -15.38
N ILE A 778 -26.01 -5.93 -16.23
CA ILE A 778 -25.97 -6.12 -17.72
C ILE A 778 -24.62 -6.76 -18.07
N ILE A 779 -24.64 -7.85 -18.86
CA ILE A 779 -23.43 -8.57 -19.33
C ILE A 779 -23.08 -8.01 -20.72
N VAL A 780 -22.20 -6.99 -20.79
CA VAL A 780 -21.59 -6.49 -22.06
C VAL A 780 -20.85 -7.67 -22.70
N HIS A 781 -21.14 -7.98 -23.97
CA HIS A 781 -20.47 -9.01 -24.81
C HIS A 781 -20.00 -8.39 -26.13
N ALA A 782 -18.84 -8.81 -26.63
CA ALA A 782 -18.20 -8.29 -27.88
C ALA A 782 -17.85 -9.45 -28.83
N THR A 783 -18.01 -9.22 -30.14
CA THR A 783 -17.61 -10.16 -31.24
C THR A 783 -16.34 -9.61 -31.88
N HIS A 784 -15.35 -10.48 -32.14
CA HIS A 784 -13.98 -10.11 -32.62
C HIS A 784 -14.10 -9.51 -34.03
N PRO A 785 -13.48 -8.34 -34.33
CA PRO A 785 -13.44 -7.79 -35.70
C PRO A 785 -12.39 -8.53 -36.56
N GLU A 786 -12.83 -9.31 -37.55
CA GLU A 786 -11.92 -10.19 -38.37
C GLU A 786 -12.63 -10.72 -39.62
N ARG A 787 -11.83 -11.19 -40.61
CA ARG A 787 -12.25 -11.63 -41.97
C ARG A 787 -13.15 -10.53 -42.59
N GLY A 788 -14.42 -10.82 -42.95
CA GLY A 788 -15.40 -9.84 -43.45
C GLY A 788 -16.22 -9.16 -42.36
N GLN A 789 -16.06 -9.52 -41.06
CA GLN A 789 -16.93 -9.04 -39.94
C GLN A 789 -16.22 -7.86 -39.25
N PRO A 790 -16.90 -6.69 -39.04
CA PRO A 790 -16.40 -5.65 -38.13
C PRO A 790 -16.77 -5.95 -36.67
N ALA A 791 -16.25 -5.15 -35.73
CA ALA A 791 -16.44 -5.31 -34.27
C ALA A 791 -17.92 -5.01 -33.93
N SER A 792 -18.55 -5.86 -33.11
CA SER A 792 -19.95 -5.73 -32.62
C SER A 792 -19.99 -5.79 -31.09
N LEU A 793 -20.68 -4.84 -30.44
CA LEU A 793 -20.91 -4.78 -28.98
C LEU A 793 -22.41 -5.06 -28.71
N GLU A 794 -22.71 -6.19 -28.06
CA GLU A 794 -24.10 -6.64 -27.71
C GLU A 794 -24.26 -6.66 -26.18
N PHE A 795 -25.30 -6.00 -25.66
CA PHE A 795 -25.59 -5.79 -24.21
C PHE A 795 -26.83 -6.63 -23.91
N LEU A 796 -26.69 -7.71 -23.14
CA LEU A 796 -27.79 -8.66 -22.78
C LEU A 796 -28.03 -8.57 -21.26
N PRO A 797 -29.24 -8.20 -20.77
CA PRO A 797 -29.52 -8.20 -19.32
C PRO A 797 -29.57 -9.60 -18.68
N MET A 798 -29.23 -9.67 -17.39
CA MET A 798 -29.47 -10.83 -16.48
C MET A 798 -30.42 -10.36 -15.36
N GLU A 799 -31.35 -11.24 -14.95
CA GLU A 799 -32.47 -10.96 -14.00
C GLU A 799 -32.42 -12.02 -12.90
N SER A 800 -32.38 -11.59 -11.62
CA SER A 800 -32.36 -12.45 -10.40
C SER A 800 -33.36 -11.94 -9.37
N PRO A 801 -34.03 -12.82 -8.57
CA PRO A 801 -34.88 -12.38 -7.45
C PRO A 801 -34.07 -12.10 -6.17
N SER A 824 -28.59 0.78 -9.80
CA SER A 824 -27.52 1.68 -10.29
C SER A 824 -26.88 1.22 -11.61
N ARG A 825 -27.53 0.33 -12.41
CA ARG A 825 -27.14 -0.07 -13.79
C ARG A 825 -25.72 -0.67 -13.78
N HIS A 826 -25.48 -1.67 -12.94
CA HIS A 826 -24.14 -2.31 -12.73
C HIS A 826 -23.80 -3.10 -14.00
N LEU A 827 -22.55 -3.05 -14.50
CA LEU A 827 -22.12 -3.75 -15.75
C LEU A 827 -21.09 -4.84 -15.41
N ALA A 828 -21.26 -6.07 -15.93
CA ALA A 828 -20.30 -7.19 -15.81
C ALA A 828 -19.73 -7.52 -17.20
N LEU A 829 -18.40 -7.51 -17.35
CA LEU A 829 -17.67 -7.70 -18.64
C LEU A 829 -16.66 -8.84 -18.47
N SER A 830 -16.68 -9.85 -19.36
CA SER A 830 -15.60 -10.88 -19.47
C SER A 830 -14.32 -10.20 -19.98
N GLY A 831 -13.15 -10.75 -19.62
CA GLY A 831 -11.81 -10.27 -19.99
C GLY A 831 -11.67 -10.00 -21.49
N PRO A 832 -11.99 -11.01 -22.37
CA PRO A 832 -11.99 -10.82 -23.82
C PRO A 832 -12.83 -9.64 -24.35
N THR A 833 -14.06 -9.45 -23.84
CA THR A 833 -14.97 -8.32 -24.22
C THR A 833 -14.25 -6.99 -23.93
N PHE A 834 -13.65 -6.86 -22.75
CA PHE A 834 -12.84 -5.69 -22.29
C PHE A 834 -11.65 -5.47 -23.25
N GLY A 835 -10.99 -6.55 -23.70
CA GLY A 835 -9.93 -6.53 -24.72
C GLY A 835 -10.37 -5.87 -26.02
N ILE A 836 -11.52 -6.28 -26.55
CA ILE A 836 -12.14 -5.68 -27.77
C ILE A 836 -12.59 -4.24 -27.46
N ILE A 837 -13.20 -3.96 -26.31
CA ILE A 837 -13.69 -2.60 -25.92
C ILE A 837 -12.49 -1.63 -25.89
N VAL A 838 -11.35 -2.01 -25.30
CA VAL A 838 -10.16 -1.11 -25.17
C VAL A 838 -9.54 -0.87 -26.56
N LYS A 839 -9.42 -1.91 -27.40
CA LYS A 839 -8.76 -1.81 -28.74
C LYS A 839 -9.67 -1.13 -29.78
N HIS A 840 -10.96 -1.53 -29.87
CA HIS A 840 -11.87 -1.23 -31.01
C HIS A 840 -13.09 -0.37 -30.63
N PHE A 841 -13.31 0.00 -29.34
CA PHE A 841 -14.40 0.93 -28.91
C PHE A 841 -13.87 1.98 -27.91
N PRO A 842 -12.78 2.74 -28.22
CA PRO A 842 -12.14 3.61 -27.22
C PRO A 842 -13.10 4.63 -26.59
N LYS A 843 -14.01 5.20 -27.40
CA LYS A 843 -15.04 6.19 -26.98
C LYS A 843 -15.98 5.57 -25.95
N LEU A 844 -16.34 4.29 -26.07
CA LEU A 844 -17.25 3.60 -25.11
C LEU A 844 -16.54 3.26 -23.79
N LEU A 845 -15.20 3.04 -23.78
CA LEU A 845 -14.44 2.56 -22.57
C LEU A 845 -14.74 3.46 -21.36
N PRO A 846 -14.64 4.81 -21.42
CA PRO A 846 -15.09 5.68 -20.32
C PRO A 846 -16.46 5.33 -19.72
N LYS A 847 -17.45 5.02 -20.57
CA LYS A 847 -18.85 4.72 -20.14
C LYS A 847 -18.88 3.39 -19.37
N VAL A 848 -18.17 2.34 -19.83
CA VAL A 848 -18.21 0.99 -19.18
C VAL A 848 -17.37 1.02 -17.87
N LEU A 849 -16.17 1.61 -17.87
CA LEU A 849 -15.21 1.59 -16.71
C LEU A 849 -15.75 2.43 -15.55
N VAL A 850 -16.57 3.47 -15.80
CA VAL A 850 -17.28 4.27 -14.75
C VAL A 850 -18.60 3.60 -14.30
N GLN A 851 -19.01 2.45 -14.90
CA GLN A 851 -20.30 1.75 -14.65
C GLN A 851 -20.13 0.23 -14.43
N GLY A 852 -18.89 -0.30 -14.43
CA GLY A 852 -18.56 -1.74 -14.46
C GLY A 852 -18.17 -2.22 -13.07
N THR A 853 -18.83 -3.27 -12.54
CA THR A 853 -18.66 -3.75 -11.13
C THR A 853 -18.00 -5.14 -11.05
N VAL A 854 -18.12 -6.03 -12.06
CA VAL A 854 -17.70 -7.47 -11.99
C VAL A 854 -16.85 -7.83 -13.22
N PHE A 855 -15.64 -7.26 -13.33
CA PHE A 855 -14.69 -7.60 -14.42
C PHE A 855 -14.16 -9.02 -14.16
N ALA A 856 -14.35 -9.95 -15.11
CA ALA A 856 -14.17 -11.40 -14.91
C ALA A 856 -13.41 -12.02 -16.08
N ARG A 857 -12.91 -13.24 -15.87
CA ARG A 857 -12.04 -14.01 -16.82
C ARG A 857 -10.79 -13.20 -17.23
N MET A 858 -10.29 -12.33 -16.35
CA MET A 858 -9.23 -11.35 -16.65
C MET A 858 -7.87 -12.04 -16.47
N ALA A 859 -6.97 -11.88 -17.44
CA ALA A 859 -5.54 -12.28 -17.36
C ALA A 859 -4.80 -11.38 -16.37
N PRO A 860 -3.65 -11.78 -15.78
CA PRO A 860 -2.88 -10.93 -14.86
C PRO A 860 -2.57 -9.52 -15.39
N GLU A 861 -2.20 -9.42 -16.67
CA GLU A 861 -1.93 -8.13 -17.38
C GLU A 861 -3.20 -7.26 -17.41
N GLN A 862 -4.37 -7.85 -17.74
CA GLN A 862 -5.68 -7.13 -17.82
C GLN A 862 -6.02 -6.41 -16.50
N LYS A 863 -5.66 -6.98 -15.34
CA LYS A 863 -5.98 -6.44 -13.98
C LYS A 863 -5.25 -5.09 -13.82
N THR A 864 -4.00 -5.00 -14.32
CA THR A 864 -3.17 -3.76 -14.36
C THR A 864 -3.86 -2.71 -15.24
N GLU A 865 -4.38 -3.14 -16.40
CA GLU A 865 -5.07 -2.25 -17.38
C GLU A 865 -6.32 -1.64 -16.74
N LEU A 866 -7.15 -2.43 -16.03
CA LEU A 866 -8.35 -1.89 -15.31
C LEU A 866 -7.89 -0.82 -14.31
N VAL A 867 -6.86 -1.12 -13.51
CA VAL A 867 -6.22 -0.15 -12.55
C VAL A 867 -5.81 1.11 -13.30
N CYS A 868 -5.12 1.00 -14.45
CA CYS A 868 -4.52 2.16 -15.19
C CYS A 868 -5.61 2.99 -15.88
N GLU A 869 -6.60 2.36 -16.55
CA GLU A 869 -7.75 3.05 -17.20
C GLU A 869 -8.64 3.71 -16.13
N LEU A 870 -8.99 3.00 -15.04
CA LEU A 870 -9.75 3.60 -13.90
C LEU A 870 -9.00 4.80 -13.32
N GLN A 871 -7.65 4.75 -13.25
CA GLN A 871 -6.80 5.88 -12.76
C GLN A 871 -6.84 7.06 -13.74
N LYS A 872 -6.70 6.81 -15.05
CA LYS A 872 -6.69 7.89 -16.11
C LYS A 872 -8.06 8.59 -16.15
N LEU A 873 -9.16 7.91 -15.80
CA LEU A 873 -10.50 8.52 -15.54
C LEU A 873 -10.56 9.37 -14.23
N GLN A 874 -9.45 9.61 -13.52
CA GLN A 874 -9.32 10.43 -12.27
C GLN A 874 -10.04 9.75 -11.07
N TYR A 875 -10.24 8.42 -11.08
CA TYR A 875 -10.63 7.61 -9.87
C TYR A 875 -9.36 7.30 -9.08
N CYS A 876 -9.39 7.46 -7.75
CA CYS A 876 -8.31 6.96 -6.84
C CYS A 876 -8.60 5.48 -6.55
N VAL A 877 -7.89 4.58 -7.25
CA VAL A 877 -8.06 3.09 -7.17
C VAL A 877 -7.45 2.57 -5.84
N GLY A 878 -7.92 1.39 -5.41
CA GLY A 878 -7.30 0.53 -4.38
C GLY A 878 -7.41 -0.95 -4.74
N MET A 879 -6.45 -1.78 -4.31
CA MET A 879 -6.36 -3.24 -4.62
C MET A 879 -6.11 -4.02 -3.32
N CYS A 880 -6.98 -4.99 -3.01
CA CYS A 880 -6.89 -5.87 -1.80
C CYS A 880 -6.74 -7.33 -2.25
N GLY A 881 -6.04 -7.65 -3.34
CA GLY A 881 -5.81 -9.05 -3.79
C GLY A 881 -4.82 -9.80 -2.91
N ASP A 882 -4.80 -11.15 -2.98
CA ASP A 882 -3.94 -12.04 -2.16
C ASP A 882 -3.12 -13.05 -3.01
N GLY A 883 -2.93 -12.82 -4.31
CA GLY A 883 -2.31 -13.78 -5.26
C GLY A 883 -1.24 -13.17 -6.17
N ALA A 884 -0.42 -14.03 -6.79
CA ALA A 884 0.62 -13.68 -7.80
C ALA A 884 0.02 -12.90 -8.98
N ASN A 885 -1.15 -13.35 -9.47
CA ASN A 885 -1.96 -12.65 -10.52
C ASN A 885 -2.19 -11.16 -10.22
N ASP A 886 -2.38 -10.77 -8.95
CA ASP A 886 -2.70 -9.38 -8.53
C ASP A 886 -1.41 -8.54 -8.37
N CYS A 887 -0.20 -9.16 -8.31
CA CYS A 887 1.10 -8.51 -7.97
C CYS A 887 1.32 -7.23 -8.80
N GLY A 888 1.09 -7.32 -10.12
CA GLY A 888 1.12 -6.19 -11.08
C GLY A 888 0.16 -5.07 -10.67
N ALA A 889 -1.12 -5.40 -10.47
CA ALA A 889 -2.22 -4.45 -10.16
C ALA A 889 -1.95 -3.76 -8.81
N LEU A 890 -1.51 -4.52 -7.79
CA LEU A 890 -1.18 -4.04 -6.42
C LEU A 890 -0.12 -2.92 -6.49
N LYS A 891 0.97 -3.13 -7.25
CA LYS A 891 2.08 -2.14 -7.44
C LYS A 891 1.55 -0.88 -8.15
N ALA A 892 0.82 -1.05 -9.26
CA ALA A 892 0.26 0.06 -10.09
C ALA A 892 -0.77 0.88 -9.31
N ALA A 893 -1.61 0.25 -8.47
CA ALA A 893 -2.68 0.90 -7.68
C ALA A 893 -2.10 1.87 -6.64
N ASP A 894 -2.85 2.93 -6.29
CA ASP A 894 -2.47 3.98 -5.30
C ASP A 894 -2.21 3.34 -3.93
N VAL A 895 -3.15 2.53 -3.43
CA VAL A 895 -3.08 1.79 -2.14
C VAL A 895 -3.23 0.30 -2.47
N GLY A 896 -2.14 -0.48 -2.35
CA GLY A 896 -2.07 -1.92 -2.64
C GLY A 896 -1.84 -2.74 -1.38
N ILE A 897 -2.71 -3.73 -1.10
CA ILE A 897 -2.72 -4.57 0.13
C ILE A 897 -2.67 -6.06 -0.29
N SER A 898 -1.68 -6.82 0.20
CA SER A 898 -1.49 -8.28 -0.02
C SER A 898 -1.88 -9.07 1.23
N LEU A 899 -3.06 -9.69 1.27
CA LEU A 899 -3.71 -10.11 2.54
C LEU A 899 -3.07 -11.38 3.15
N SER A 900 -2.37 -12.22 2.39
CA SER A 900 -1.80 -13.51 2.86
C SER A 900 -0.34 -13.39 3.35
N GLN A 901 0.35 -12.25 3.17
CA GLN A 901 1.81 -12.13 3.47
C GLN A 901 2.05 -12.04 4.98
N ALA A 902 3.24 -12.44 5.41
CA ALA A 902 3.74 -12.43 6.81
C ALA A 902 4.89 -11.41 6.90
N GLU A 903 4.86 -10.52 7.90
CA GLU A 903 5.81 -9.37 8.10
C GLU A 903 5.73 -8.37 6.93
N ALA A 904 6.58 -7.33 6.94
CA ALA A 904 6.80 -6.39 5.81
C ALA A 904 7.25 -7.16 4.56
N SER A 905 6.74 -6.80 3.38
CA SER A 905 7.14 -7.34 2.06
C SER A 905 7.12 -6.26 0.97
N VAL A 906 7.88 -6.48 -0.11
CA VAL A 906 7.99 -5.58 -1.31
C VAL A 906 6.81 -5.79 -2.30
N VAL A 907 5.90 -6.75 -2.06
CA VAL A 907 4.89 -7.21 -3.07
C VAL A 907 3.88 -6.07 -3.26
N SER A 908 3.44 -5.48 -2.14
CA SER A 908 2.45 -4.40 -2.03
C SER A 908 2.98 -3.25 -1.16
N PRO A 909 2.49 -1.98 -1.30
CA PRO A 909 2.79 -0.93 -0.33
C PRO A 909 2.36 -1.25 1.12
N PHE A 910 1.15 -1.80 1.32
CA PHE A 910 0.47 -1.96 2.65
C PHE A 910 0.17 -3.46 2.90
N THR A 911 1.20 -4.27 3.12
CA THR A 911 1.08 -5.72 3.46
C THR A 911 0.21 -5.88 4.73
N SER A 912 -0.66 -6.88 4.76
CA SER A 912 -1.46 -7.31 5.95
C SER A 912 -1.04 -8.73 6.34
N SER A 913 -1.32 -9.10 7.60
CA SER A 913 -1.22 -10.48 8.14
C SER A 913 -2.59 -11.06 8.53
N MET A 914 -3.71 -10.32 8.45
CA MET A 914 -5.10 -10.85 8.61
C MET A 914 -5.62 -11.29 7.22
N ALA A 915 -6.12 -12.52 7.10
CA ALA A 915 -6.71 -13.08 5.87
C ALA A 915 -8.19 -12.71 5.83
N SER A 916 -8.49 -11.43 5.57
CA SER A 916 -9.87 -10.89 5.40
C SER A 916 -9.87 -9.53 4.69
N ILE A 917 -11.05 -9.08 4.27
CA ILE A 917 -11.29 -7.71 3.70
C ILE A 917 -11.41 -6.70 4.87
N GLU A 918 -11.51 -7.16 6.13
CA GLU A 918 -11.65 -6.29 7.35
C GLU A 918 -10.47 -5.30 7.48
N CYS A 919 -9.29 -5.62 6.95
CA CYS A 919 -8.13 -4.71 6.71
C CYS A 919 -8.53 -3.39 6.00
N VAL A 920 -9.28 -3.47 4.89
CA VAL A 920 -9.46 -2.33 3.93
C VAL A 920 -10.15 -1.14 4.62
N PRO A 921 -11.28 -1.31 5.36
CA PRO A 921 -11.87 -0.23 6.18
C PRO A 921 -10.84 0.44 7.10
N MET A 922 -10.00 -0.36 7.78
CA MET A 922 -8.95 0.11 8.73
C MET A 922 -7.90 0.97 7.99
N VAL A 923 -7.43 0.55 6.81
CA VAL A 923 -6.47 1.35 5.94
C VAL A 923 -7.10 2.70 5.54
N ILE A 924 -8.41 2.75 5.23
CA ILE A 924 -9.12 4.04 4.89
C ILE A 924 -9.26 4.84 6.19
N ARG A 925 -9.82 4.23 7.24
CA ARG A 925 -10.19 4.90 8.53
C ARG A 925 -8.96 5.61 9.12
N GLU A 926 -7.79 4.94 9.13
CA GLU A 926 -6.54 5.54 9.67
C GLU A 926 -6.07 6.68 8.77
N GLY A 927 -6.08 6.49 7.44
CA GLY A 927 -5.74 7.50 6.42
C GLY A 927 -6.50 8.81 6.61
N ARG A 928 -7.82 8.73 6.79
CA ARG A 928 -8.71 9.92 7.01
C ARG A 928 -8.32 10.64 8.31
N CYS A 929 -8.04 9.86 9.39
CA CYS A 929 -7.51 10.37 10.69
C CYS A 929 -6.18 11.08 10.48
N SER A 930 -5.23 10.46 9.77
CA SER A 930 -3.88 11.04 9.49
C SER A 930 -4.01 12.33 8.66
N LEU A 931 -4.92 12.35 7.69
CA LEU A 931 -5.18 13.55 6.86
C LEU A 931 -5.80 14.65 7.73
N ASP A 932 -6.76 14.32 8.61
CA ASP A 932 -7.37 15.32 9.53
C ASP A 932 -6.35 15.80 10.59
N THR A 933 -5.49 14.89 11.11
CA THR A 933 -4.39 15.19 12.08
C THR A 933 -3.39 16.15 11.43
N SER A 934 -2.95 15.86 10.19
CA SER A 934 -2.03 16.73 9.40
C SER A 934 -2.62 18.14 9.27
N PHE A 935 -3.92 18.26 8.96
CA PHE A 935 -4.62 19.56 8.77
C PHE A 935 -4.82 20.24 10.14
N SER A 936 -5.18 19.50 11.20
CA SER A 936 -5.33 20.03 12.59
C SER A 936 -3.99 20.57 13.11
N VAL A 937 -2.89 19.80 13.01
CA VAL A 937 -1.55 20.19 13.53
C VAL A 937 -1.06 21.45 12.78
N PHE A 938 -1.18 21.48 11.43
CA PHE A 938 -0.85 22.66 10.58
C PHE A 938 -1.65 23.89 11.04
N LYS A 939 -2.98 23.75 11.18
CA LYS A 939 -3.89 24.89 11.51
C LYS A 939 -3.62 25.37 12.95
N TYR A 940 -3.35 24.47 13.91
CA TYR A 940 -2.94 24.86 15.30
C TYR A 940 -1.57 25.56 15.27
N MET A 941 -0.59 25.07 14.48
CA MET A 941 0.76 25.70 14.39
C MET A 941 0.65 27.14 13.84
N ALA A 942 -0.20 27.37 12.82
CA ALA A 942 -0.52 28.73 12.30
C ALA A 942 -1.14 29.59 13.41
N LEU A 943 -2.15 29.06 14.11
CA LEU A 943 -2.89 29.78 15.18
C LEU A 943 -1.94 30.24 16.31
N TYR A 944 -1.03 29.35 16.75
CA TYR A 944 0.01 29.62 17.78
C TYR A 944 0.89 30.79 17.31
N SER A 945 1.41 30.73 16.08
CA SER A 945 2.39 31.72 15.52
C SER A 945 1.74 33.11 15.45
N LEU A 946 0.51 33.21 14.93
CA LEU A 946 -0.29 34.47 14.88
C LEU A 946 -0.63 34.94 16.30
N THR A 947 -1.02 34.04 17.22
CA THR A 947 -1.24 34.36 18.67
C THR A 947 0.04 34.92 19.29
N GLN A 948 1.22 34.36 18.97
CA GLN A 948 2.55 34.91 19.40
C GLN A 948 2.74 36.30 18.77
N PHE A 949 2.47 36.43 17.46
CA PHE A 949 2.65 37.67 16.64
C PHE A 949 1.85 38.81 17.29
N ILE A 950 0.55 38.59 17.56
CA ILE A 950 -0.38 39.56 18.23
C ILE A 950 0.21 39.94 19.61
N SER A 951 0.67 38.97 20.41
CA SER A 951 1.16 39.20 21.80
C SER A 951 2.44 40.05 21.76
N VAL A 952 3.47 39.59 21.03
CA VAL A 952 4.78 40.29 20.82
C VAL A 952 4.53 41.70 20.25
N LEU A 953 3.60 41.87 19.29
CA LEU A 953 3.27 43.21 18.69
C LEU A 953 2.63 44.09 19.77
N ILE A 954 1.58 43.63 20.48
CA ILE A 954 0.87 44.43 21.54
C ILE A 954 1.96 45.03 22.46
N LEU A 955 2.92 44.21 22.86
CA LEU A 955 4.13 44.64 23.62
C LEU A 955 5.04 45.58 22.79
N TYR A 956 5.29 45.32 21.50
CA TYR A 956 6.21 46.17 20.68
C TYR A 956 5.69 47.62 20.57
N THR A 957 4.40 47.84 20.24
CA THR A 957 3.73 49.16 20.30
C THR A 957 3.89 49.75 21.70
N ILE A 958 3.54 48.95 22.73
CA ILE A 958 3.38 49.44 24.13
C ILE A 958 4.77 49.30 24.78
N ASN A 959 5.58 50.35 24.70
CA ASN A 959 6.81 50.55 25.50
C ASN A 959 7.95 49.62 25.04
N THR A 960 7.88 48.98 23.84
CA THR A 960 9.01 48.23 23.21
C THR A 960 9.53 47.12 24.13
N ASN A 961 8.65 46.27 24.67
CA ASN A 961 9.00 45.20 25.64
C ASN A 961 8.71 43.80 25.05
N LEU A 962 9.35 42.77 25.63
CA LEU A 962 9.27 41.32 25.26
C LEU A 962 9.62 40.46 26.50
N GLY A 963 9.84 39.14 26.32
CA GLY A 963 10.35 38.19 27.34
C GLY A 963 11.34 37.18 26.76
N ASP A 964 12.08 36.53 27.65
CA ASP A 964 13.25 35.63 27.37
C ASP A 964 12.88 34.23 27.90
N LEU A 965 12.89 34.08 29.23
CA LEU A 965 12.64 32.79 29.95
C LEU A 965 11.17 32.38 29.70
N GLN A 966 10.25 33.35 29.76
CA GLN A 966 8.82 33.28 29.37
C GLN A 966 8.66 32.63 27.98
N PHE A 967 9.47 33.03 26.99
CA PHE A 967 9.37 32.56 25.57
C PHE A 967 9.82 31.09 25.50
N LEU A 968 10.94 30.73 26.16
CA LEU A 968 11.40 29.32 26.32
C LEU A 968 10.24 28.51 26.92
N ALA A 969 9.61 28.97 28.01
CA ALA A 969 8.50 28.28 28.71
C ALA A 969 7.34 28.02 27.73
N ILE A 970 6.85 29.06 27.03
CA ILE A 970 5.73 28.93 26.03
C ILE A 970 6.15 27.93 24.93
N ASP A 971 7.28 28.16 24.27
CA ASP A 971 7.62 27.41 23.03
C ASP A 971 8.02 25.97 23.40
N LEU A 972 8.91 25.78 24.38
CA LEU A 972 9.47 24.45 24.76
C LEU A 972 8.44 23.57 25.47
N VAL A 973 7.66 24.12 26.43
CA VAL A 973 6.78 23.29 27.32
C VAL A 973 5.34 23.39 26.77
N ILE A 974 4.74 24.58 26.68
CA ILE A 974 3.27 24.72 26.39
C ILE A 974 2.97 24.19 24.98
N THR A 975 3.74 24.58 23.95
CA THR A 975 3.37 24.38 22.51
C THR A 975 3.97 23.07 21.99
N THR A 976 5.28 22.84 22.15
CA THR A 976 5.99 21.63 21.63
C THR A 976 5.37 20.37 22.27
N THR A 977 5.15 20.34 23.59
CA THR A 977 4.52 19.18 24.31
C THR A 977 3.11 18.95 23.74
N VAL A 978 2.25 19.98 23.69
CA VAL A 978 0.85 19.87 23.18
C VAL A 978 0.87 19.35 21.72
N ALA A 979 1.76 19.88 20.87
CA ALA A 979 1.83 19.60 19.40
C ALA A 979 2.12 18.11 19.13
N VAL A 980 3.19 17.57 19.70
CA VAL A 980 3.58 16.12 19.62
C VAL A 980 2.41 15.28 20.15
N LEU A 981 1.94 15.57 21.37
CA LEU A 981 0.89 14.78 22.07
C LEU A 981 -0.48 14.85 21.36
N MET A 982 -0.83 15.93 20.64
CA MET A 982 -2.16 16.01 19.94
C MET A 982 -2.23 15.06 18.73
N SER A 983 -1.10 14.49 18.24
CA SER A 983 -1.02 13.61 17.05
C SER A 983 -1.26 12.12 17.36
N ARG A 984 -1.71 11.72 18.56
CA ARG A 984 -1.88 10.28 18.98
C ARG A 984 -3.35 9.98 19.37
N THR A 985 -4.35 10.73 18.85
CA THR A 985 -5.80 10.56 19.18
C THR A 985 -6.30 9.20 18.65
N GLY A 986 -5.97 8.86 17.40
CA GLY A 986 -6.37 7.60 16.73
C GLY A 986 -7.69 7.72 15.98
N PRO A 987 -8.03 6.74 15.09
CA PRO A 987 -9.14 6.90 14.14
C PRO A 987 -10.53 6.74 14.76
N ALA A 988 -11.55 7.30 14.08
CA ALA A 988 -12.99 7.09 14.36
C ALA A 988 -13.36 5.61 14.20
N LEU A 989 -14.41 5.17 14.91
CA LEU A 989 -14.92 3.76 14.96
C LEU A 989 -15.50 3.34 13.60
N VAL A 990 -16.26 4.21 12.92
CA VAL A 990 -17.07 3.88 11.70
C VAL A 990 -16.62 4.77 10.54
N LEU A 991 -16.42 4.17 9.35
CA LEU A 991 -16.05 4.90 8.10
C LEU A 991 -17.30 5.72 7.68
N GLY A 992 -17.09 6.98 7.25
CA GLY A 992 -18.13 8.02 7.09
C GLY A 992 -18.37 8.43 5.64
N ARG A 993 -19.57 8.94 5.33
CA ARG A 993 -20.00 9.43 3.99
C ARG A 993 -19.10 10.61 3.56
N VAL A 994 -18.91 11.60 4.43
CA VAL A 994 -18.14 12.86 4.12
C VAL A 994 -16.65 12.53 3.99
N ARG A 995 -16.03 12.92 2.85
CA ARG A 995 -14.59 12.69 2.57
C ARG A 995 -13.78 13.75 3.33
N PRO A 996 -12.56 13.45 3.86
CA PRO A 996 -11.79 14.41 4.63
C PRO A 996 -11.36 15.61 3.79
N PRO A 997 -11.46 16.88 4.29
CA PRO A 997 -11.13 18.07 3.49
C PRO A 997 -9.63 18.09 3.09
N GLY A 998 -9.34 18.37 1.82
CA GLY A 998 -8.05 18.09 1.13
C GLY A 998 -7.23 19.31 0.75
N ALA A 999 -7.69 20.55 1.01
CA ALA A 999 -6.99 21.82 0.70
C ALA A 999 -6.82 22.62 2.00
N LEU A 1000 -5.59 22.94 2.40
CA LEU A 1000 -5.31 23.73 3.65
C LEU A 1000 -5.84 25.16 3.43
N LEU A 1001 -5.55 25.79 2.29
CA LEU A 1001 -6.10 27.12 1.87
C LEU A 1001 -7.57 26.92 1.43
N SER A 1002 -8.48 26.63 2.38
CA SER A 1002 -9.95 26.58 2.18
C SER A 1002 -10.58 27.80 2.87
N VAL A 1003 -11.78 28.18 2.43
CA VAL A 1003 -12.60 29.30 2.99
C VAL A 1003 -12.94 29.00 4.45
N PRO A 1004 -13.50 27.82 4.84
CA PRO A 1004 -13.72 27.47 6.25
C PRO A 1004 -12.48 27.58 7.15
N VAL A 1005 -11.35 27.00 6.73
CA VAL A 1005 -10.05 27.01 7.46
C VAL A 1005 -9.59 28.46 7.62
N LEU A 1006 -9.51 29.21 6.51
CA LEU A 1006 -9.08 30.64 6.49
C LEU A 1006 -9.98 31.47 7.43
N SER A 1007 -11.31 31.35 7.27
CA SER A 1007 -12.36 31.96 8.13
C SER A 1007 -12.08 31.66 9.61
N SER A 1008 -11.94 30.36 9.95
CA SER A 1008 -11.79 29.84 11.33
C SER A 1008 -10.57 30.50 12.00
N LEU A 1009 -9.41 30.43 11.34
CA LEU A 1009 -8.11 31.03 11.81
C LEU A 1009 -8.27 32.55 12.02
N LEU A 1010 -8.76 33.28 11.01
CA LEU A 1010 -8.91 34.77 11.04
C LEU A 1010 -9.87 35.18 12.15
N LEU A 1011 -11.07 34.57 12.22
CA LEU A 1011 -12.09 34.85 13.27
C LEU A 1011 -11.52 34.56 14.67
N GLN A 1012 -10.81 33.44 14.86
CA GLN A 1012 -10.24 33.06 16.19
C GLN A 1012 -9.19 34.09 16.63
N MET A 1013 -8.30 34.52 15.73
CA MET A 1013 -7.22 35.51 16.01
C MET A 1013 -7.82 36.85 16.47
N VAL A 1014 -8.94 37.29 15.86
CA VAL A 1014 -9.75 38.46 16.31
C VAL A 1014 -10.16 38.25 17.78
N LEU A 1015 -10.68 37.07 18.14
CA LEU A 1015 -11.11 36.75 19.54
C LEU A 1015 -9.88 36.74 20.47
N VAL A 1016 -8.75 36.15 20.03
CA VAL A 1016 -7.44 36.16 20.76
C VAL A 1016 -7.07 37.61 21.10
N THR A 1017 -7.03 38.49 20.09
CA THR A 1017 -6.69 39.94 20.22
C THR A 1017 -7.68 40.64 21.16
N GLY A 1018 -8.99 40.41 20.99
CA GLY A 1018 -10.08 41.01 21.80
C GLY A 1018 -9.82 40.88 23.29
N VAL A 1019 -9.64 39.65 23.77
CA VAL A 1019 -9.28 39.30 25.19
C VAL A 1019 -7.91 39.90 25.53
N GLN A 1020 -6.92 39.79 24.63
CA GLN A 1020 -5.51 40.24 24.86
C GLN A 1020 -5.47 41.76 25.09
N LEU A 1021 -6.07 42.54 24.16
CA LEU A 1021 -6.22 44.03 24.28
C LEU A 1021 -7.07 44.34 25.52
N GLY A 1022 -8.25 43.71 25.64
CA GLY A 1022 -9.17 43.84 26.80
C GLY A 1022 -8.44 43.76 28.13
N GLY A 1023 -7.58 42.74 28.27
CA GLY A 1023 -6.62 42.53 29.38
C GLY A 1023 -5.78 43.77 29.68
N TYR A 1024 -5.13 44.34 28.66
CA TYR A 1024 -4.19 45.51 28.78
C TYR A 1024 -5.00 46.74 29.23
N PHE A 1025 -6.14 47.01 28.59
CA PHE A 1025 -7.09 48.10 28.95
C PHE A 1025 -7.51 47.95 30.43
N LEU A 1026 -7.93 46.74 30.84
CA LEU A 1026 -8.30 46.40 32.25
C LEU A 1026 -7.10 46.66 33.18
N THR A 1027 -5.88 46.23 32.78
CA THR A 1027 -4.63 46.35 33.58
C THR A 1027 -4.33 47.83 33.83
N LEU A 1028 -4.23 48.62 32.74
CA LEU A 1028 -3.97 50.09 32.82
C LEU A 1028 -5.08 50.78 33.63
N ALA A 1029 -6.35 50.42 33.37
CA ALA A 1029 -7.54 50.94 34.10
C ALA A 1029 -7.51 50.58 35.60
N GLN A 1030 -6.82 49.51 36.04
CA GLN A 1030 -6.81 49.10 37.47
C GLN A 1030 -6.35 50.28 38.34
N PRO A 1031 -7.11 50.66 39.41
CA PRO A 1031 -6.81 51.87 40.18
C PRO A 1031 -5.45 51.83 40.90
N TRP A 1032 -5.10 50.67 41.47
CA TRP A 1032 -3.74 50.37 42.04
C TRP A 1032 -2.63 50.38 40.98
N PHE A 1033 -2.90 50.24 39.67
CA PHE A 1033 -1.89 50.07 38.58
C PHE A 1033 -0.84 51.20 38.61
N VAL A 1034 0.45 50.83 38.60
CA VAL A 1034 1.62 51.74 38.54
C VAL A 1034 2.11 51.71 37.09
N PRO A 1035 2.20 52.86 36.37
CA PRO A 1035 2.71 52.85 34.99
C PRO A 1035 4.18 52.43 34.82
N LEU A 1036 4.60 52.23 33.57
CA LEU A 1036 5.87 51.53 33.20
C LEU A 1036 6.99 52.58 33.03
N ASN A 1037 8.11 52.22 32.38
CA ASN A 1037 9.29 53.09 32.16
C ASN A 1037 9.22 53.74 30.78
N ARG A 1038 9.23 52.92 29.71
CA ARG A 1038 9.36 53.34 28.29
C ARG A 1038 10.58 54.27 28.11
N THR A 1039 11.68 53.98 28.80
CA THR A 1039 12.96 54.77 28.78
C THR A 1039 14.20 53.88 28.70
N VAL A 1040 14.08 52.54 28.67
CA VAL A 1040 15.23 51.58 28.74
C VAL A 1040 14.94 50.33 27.90
N ALA A 1041 16.00 49.65 27.43
CA ALA A 1041 15.97 48.49 26.50
C ALA A 1041 15.21 47.29 27.10
N ALA A 1042 14.47 46.56 26.26
CA ALA A 1042 13.68 45.33 26.58
C ALA A 1042 14.48 44.32 27.40
N PRO A 1043 15.72 43.89 27.00
CA PRO A 1043 16.54 43.03 27.85
C PRO A 1043 16.93 43.64 29.20
N ASP A 1044 17.15 44.96 29.25
CA ASP A 1044 17.55 45.70 30.47
C ASP A 1044 16.36 45.77 31.43
N ASN A 1045 15.14 46.03 30.94
CA ASN A 1045 13.89 46.07 31.78
C ASN A 1045 13.43 44.63 32.05
N LEU A 1046 14.09 43.95 33.00
CA LEU A 1046 13.80 42.53 33.36
C LEU A 1046 12.39 42.40 33.95
N PRO A 1047 11.92 43.28 34.89
CA PRO A 1047 10.52 43.37 35.28
C PRO A 1047 9.73 44.47 34.55
N ASN A 1048 8.62 44.10 33.86
CA ASN A 1048 7.61 45.04 33.30
C ASN A 1048 6.22 44.55 33.73
N TYR A 1049 5.41 45.48 34.25
CA TYR A 1049 4.04 45.23 34.77
C TYR A 1049 3.14 44.68 33.65
N GLU A 1050 3.30 45.18 32.42
CA GLU A 1050 2.54 44.70 31.24
C GLU A 1050 2.93 43.27 30.85
N ASN A 1051 4.22 42.93 30.90
CA ASN A 1051 4.75 41.57 30.53
C ASN A 1051 4.01 40.52 31.36
N THR A 1052 3.93 40.74 32.68
CA THR A 1052 3.16 39.91 33.67
C THR A 1052 1.75 39.62 33.13
N VAL A 1053 0.97 40.66 32.77
CA VAL A 1053 -0.47 40.52 32.36
C VAL A 1053 -0.52 39.80 31.00
N VAL A 1054 0.23 40.32 30.01
CA VAL A 1054 0.17 39.86 28.58
C VAL A 1054 0.58 38.39 28.50
N PHE A 1055 1.73 38.02 29.09
CA PHE A 1055 2.20 36.60 29.19
C PHE A 1055 1.13 35.75 29.90
N SER A 1056 0.66 36.19 31.08
CA SER A 1056 -0.27 35.41 31.95
C SER A 1056 -1.59 35.14 31.20
N LEU A 1057 -2.13 36.13 30.49
CA LEU A 1057 -3.36 35.94 29.67
C LEU A 1057 -3.03 35.03 28.46
N SER A 1058 -1.90 35.24 27.78
CA SER A 1058 -1.57 34.56 26.49
C SER A 1058 -1.26 33.06 26.73
N SER A 1059 -0.48 32.74 27.78
CA SER A 1059 -0.02 31.36 28.16
C SER A 1059 -1.15 30.32 28.03
N PHE A 1060 -2.29 30.61 28.64
CA PHE A 1060 -3.46 29.70 28.78
C PHE A 1060 -4.07 29.54 27.38
N GLN A 1061 -4.23 30.66 26.66
CA GLN A 1061 -4.92 30.72 25.33
C GLN A 1061 -4.13 29.85 24.32
N TYR A 1062 -2.78 29.84 24.36
CA TYR A 1062 -1.93 28.90 23.56
C TYR A 1062 -2.39 27.44 23.76
N LEU A 1063 -2.64 27.02 25.03
CA LEU A 1063 -3.18 25.67 25.35
C LEU A 1063 -4.59 25.51 24.75
N ILE A 1064 -5.47 26.48 25.01
CA ILE A 1064 -6.92 26.45 24.61
C ILE A 1064 -7.03 26.14 23.10
N LEU A 1065 -6.20 26.79 22.27
CA LEU A 1065 -6.22 26.65 20.78
C LEU A 1065 -6.22 25.17 20.37
N ALA A 1066 -5.33 24.35 20.96
CA ALA A 1066 -5.17 22.90 20.66
C ALA A 1066 -6.48 22.13 20.88
N ALA A 1067 -7.17 22.39 22.00
CA ALA A 1067 -8.45 21.77 22.39
C ALA A 1067 -9.55 22.14 21.38
N ALA A 1068 -9.68 23.43 21.02
CA ALA A 1068 -10.61 23.93 19.98
C ALA A 1068 -10.27 23.32 18.60
N VAL A 1069 -8.98 23.33 18.22
CA VAL A 1069 -8.45 22.79 16.92
C VAL A 1069 -8.77 21.28 16.79
N SER A 1070 -8.63 20.48 17.86
CA SER A 1070 -8.75 18.99 17.86
C SER A 1070 -10.01 18.55 17.11
N LYS A 1071 -11.17 19.13 17.47
CA LYS A 1071 -12.48 18.98 16.76
C LYS A 1071 -12.77 17.48 16.49
N GLY A 1072 -12.48 16.60 17.45
CA GLY A 1072 -12.41 15.14 17.23
C GLY A 1072 -13.80 14.50 17.16
N ALA A 1073 -14.31 14.22 15.95
CA ALA A 1073 -15.64 13.60 15.71
C ALA A 1073 -15.66 12.79 14.40
N PRO A 1074 -15.64 13.38 13.16
CA PRO A 1074 -15.92 12.63 11.93
C PRO A 1074 -14.85 11.58 11.58
N PHE A 1075 -13.58 11.96 11.67
CA PHE A 1075 -12.38 11.17 11.26
C PHE A 1075 -11.55 10.73 12.49
N ARG A 1076 -11.65 11.42 13.64
CA ARG A 1076 -10.88 11.15 14.89
C ARG A 1076 -11.84 10.98 16.07
N ARG A 1077 -11.40 10.21 17.08
CA ARG A 1077 -12.18 9.90 18.31
C ARG A 1077 -12.12 11.13 19.22
N PRO A 1078 -13.01 11.28 20.24
CA PRO A 1078 -12.98 12.44 21.15
C PRO A 1078 -11.64 12.63 21.89
N LEU A 1079 -11.24 13.88 22.14
CA LEU A 1079 -9.89 14.29 22.59
C LEU A 1079 -9.45 13.51 23.85
N TYR A 1080 -10.36 13.40 24.84
CA TYR A 1080 -10.15 12.70 26.14
C TYR A 1080 -9.53 11.31 25.93
N THR A 1081 -9.99 10.53 24.94
CA THR A 1081 -9.49 9.16 24.63
C THR A 1081 -7.97 9.14 24.40
N ASN A 1082 -7.37 10.24 23.89
CA ASN A 1082 -5.90 10.38 23.67
C ASN A 1082 -5.15 9.89 24.93
N VAL A 1083 -5.42 10.50 26.09
CA VAL A 1083 -4.88 10.21 27.46
C VAL A 1083 -3.56 10.98 27.71
N PRO A 1084 -2.36 10.65 27.16
CA PRO A 1084 -1.13 11.42 27.44
C PRO A 1084 -1.23 12.94 27.20
N PHE A 1085 -1.84 13.36 26.08
CA PHE A 1085 -2.22 14.77 25.78
C PHE A 1085 -3.09 15.32 26.92
N LEU A 1086 -4.18 14.62 27.25
CA LEU A 1086 -5.25 15.12 28.18
C LEU A 1086 -4.63 15.38 29.55
N VAL A 1087 -3.79 14.46 30.06
CA VAL A 1087 -3.01 14.61 31.33
C VAL A 1087 -2.10 15.86 31.23
N ALA A 1088 -1.34 16.00 30.13
CA ALA A 1088 -0.36 17.10 29.90
C ALA A 1088 -1.09 18.46 29.87
N LEU A 1089 -2.19 18.55 29.11
CA LEU A 1089 -3.08 19.74 28.99
C LEU A 1089 -3.52 20.18 30.39
N ALA A 1090 -4.12 19.27 31.16
CA ALA A 1090 -4.61 19.50 32.55
C ALA A 1090 -3.45 19.89 33.47
N LEU A 1091 -2.33 19.16 33.43
CA LEU A 1091 -1.11 19.37 34.27
C LEU A 1091 -0.54 20.78 34.04
N LEU A 1092 -0.23 21.12 32.77
CA LEU A 1092 0.28 22.45 32.35
C LEU A 1092 -0.74 23.55 32.73
N SER A 1093 -2.04 23.33 32.48
CA SER A 1093 -3.13 24.27 32.90
C SER A 1093 -3.09 24.49 34.41
N SER A 1094 -2.95 23.41 35.20
CA SER A 1094 -2.88 23.46 36.70
C SER A 1094 -1.65 24.24 37.15
N VAL A 1095 -0.47 23.93 36.59
CA VAL A 1095 0.84 24.63 36.86
C VAL A 1095 0.66 26.13 36.58
N LEU A 1096 0.12 26.47 35.39
CA LEU A 1096 -0.17 27.87 34.96
C LEU A 1096 -1.16 28.54 35.93
N VAL A 1097 -2.28 27.87 36.30
CA VAL A 1097 -3.30 28.38 37.28
C VAL A 1097 -2.59 28.69 38.60
N GLY A 1098 -1.84 27.72 39.13
CA GLY A 1098 -0.99 27.83 40.34
C GLY A 1098 -0.06 29.04 40.27
N LEU A 1099 0.66 29.18 39.15
CA LEU A 1099 1.65 30.28 38.91
C LEU A 1099 0.92 31.62 38.86
N VAL A 1100 -0.16 31.75 38.07
CA VAL A 1100 -0.88 33.05 37.89
C VAL A 1100 -1.47 33.53 39.23
N LEU A 1101 -2.03 32.61 40.03
CA LEU A 1101 -2.53 32.94 41.40
C LEU A 1101 -1.34 33.27 42.33
N VAL A 1102 -0.28 32.43 42.34
CA VAL A 1102 0.90 32.57 43.26
C VAL A 1102 2.17 32.12 42.52
N PRO A 1103 2.97 33.01 41.89
CA PRO A 1103 4.22 32.59 41.21
C PRO A 1103 5.30 32.13 42.21
N GLY A 1104 5.35 32.69 43.42
CA GLY A 1104 6.30 32.32 44.49
C GLY A 1104 7.74 32.35 44.01
N LEU A 1105 8.49 31.25 44.21
CA LEU A 1105 9.85 31.01 43.64
C LEU A 1105 9.89 31.32 42.13
N LEU A 1106 8.91 30.83 41.35
CA LEU A 1106 8.90 30.94 39.86
C LEU A 1106 8.81 32.39 39.40
N GLN A 1107 8.26 33.32 40.22
CA GLN A 1107 8.24 34.80 39.98
C GLN A 1107 9.60 35.28 39.45
N GLY A 1108 10.69 34.94 40.13
CA GLY A 1108 12.07 35.35 39.82
C GLY A 1108 12.51 34.92 38.42
N PRO A 1109 12.52 33.59 38.10
CA PRO A 1109 12.72 33.09 36.73
C PRO A 1109 11.77 33.67 35.66
N LEU A 1110 10.47 33.70 35.96
CA LEU A 1110 9.41 34.27 35.05
C LEU A 1110 9.59 35.79 34.86
N ALA A 1111 10.31 36.49 35.76
CA ALA A 1111 10.49 37.97 35.78
C ALA A 1111 9.14 38.66 36.01
N LEU A 1112 8.23 38.00 36.75
CA LEU A 1112 6.82 38.44 36.94
C LEU A 1112 6.83 39.58 37.95
N ARG A 1113 5.98 40.61 37.75
CA ARG A 1113 5.74 41.72 38.72
C ARG A 1113 4.57 41.29 39.62
N ASN A 1114 4.86 40.89 40.87
CA ASN A 1114 3.89 40.40 41.90
C ASN A 1114 2.72 41.40 42.01
N ILE A 1115 1.49 40.88 41.93
CA ILE A 1115 0.20 41.63 42.03
C ILE A 1115 -0.54 40.99 43.22
N THR A 1116 -0.74 41.74 44.30
CA THR A 1116 -1.43 41.28 45.54
C THR A 1116 -2.94 41.13 45.30
N ASP A 1117 -3.57 42.05 44.54
CA ASP A 1117 -5.05 42.14 44.36
C ASP A 1117 -5.57 40.83 43.76
N THR A 1118 -6.49 40.16 44.46
CA THR A 1118 -7.19 38.92 44.01
C THR A 1118 -8.14 39.25 42.85
N GLY A 1119 -8.93 40.33 42.98
CA GLY A 1119 -9.99 40.77 42.04
C GLY A 1119 -9.54 40.79 40.60
N PHE A 1120 -8.42 41.44 40.30
CA PHE A 1120 -7.86 41.53 38.93
C PHE A 1120 -7.41 40.13 38.46
N LYS A 1121 -6.83 39.29 39.34
CA LYS A 1121 -6.43 37.88 39.01
C LYS A 1121 -7.68 37.10 38.59
N LEU A 1122 -8.77 37.18 39.38
CA LEU A 1122 -10.10 36.57 39.05
C LEU A 1122 -10.65 37.14 37.73
N LEU A 1123 -10.53 38.46 37.50
CA LEU A 1123 -10.90 39.14 36.22
C LEU A 1123 -10.11 38.50 35.06
N LEU A 1124 -8.80 38.29 35.25
CA LEU A 1124 -7.86 37.66 34.26
C LEU A 1124 -8.30 36.22 33.99
N LEU A 1125 -8.54 35.42 35.05
CA LEU A 1125 -9.05 34.01 34.95
C LEU A 1125 -10.39 34.00 34.19
N GLY A 1126 -11.31 34.90 34.53
CA GLY A 1126 -12.59 35.15 33.82
C GLY A 1126 -12.39 35.38 32.32
N LEU A 1127 -11.47 36.27 31.95
CA LEU A 1127 -11.15 36.61 30.52
C LEU A 1127 -10.67 35.35 29.77
N VAL A 1128 -9.74 34.57 30.36
CA VAL A 1128 -9.23 33.28 29.77
C VAL A 1128 -10.41 32.31 29.60
N THR A 1129 -11.26 32.14 30.62
CA THR A 1129 -12.47 31.26 30.60
C THR A 1129 -13.41 31.69 29.46
N LEU A 1130 -13.69 33.00 29.38
CA LEU A 1130 -14.50 33.64 28.29
C LEU A 1130 -13.89 33.33 26.92
N ASN A 1131 -12.57 33.53 26.75
CA ASN A 1131 -11.83 33.25 25.48
C ASN A 1131 -11.99 31.76 25.16
N PHE A 1132 -11.79 30.88 26.16
CA PHE A 1132 -11.91 29.40 26.04
C PHE A 1132 -13.31 29.02 25.54
N VAL A 1133 -14.36 29.52 26.20
CA VAL A 1133 -15.79 29.33 25.79
C VAL A 1133 -15.93 29.82 24.34
N GLY A 1134 -15.42 31.04 24.05
CA GLY A 1134 -15.41 31.68 22.72
C GLY A 1134 -14.83 30.80 21.63
N ALA A 1135 -13.62 30.24 21.86
CA ALA A 1135 -12.88 29.38 20.91
C ALA A 1135 -13.69 28.11 20.59
N PHE A 1136 -14.20 27.44 21.63
CA PHE A 1136 -15.08 26.23 21.51
C PHE A 1136 -16.34 26.60 20.73
N MET A 1137 -17.02 27.70 21.10
CA MET A 1137 -18.24 28.23 20.41
C MET A 1137 -17.95 28.49 18.92
N LEU A 1138 -16.81 29.13 18.60
CA LEU A 1138 -16.44 29.54 17.21
C LEU A 1138 -16.29 28.30 16.31
N GLU A 1139 -15.59 27.26 16.78
CA GLU A 1139 -15.32 26.02 15.98
C GLU A 1139 -16.63 25.25 15.78
N SER A 1140 -17.47 25.10 16.81
CA SER A 1140 -18.84 24.50 16.70
C SER A 1140 -19.69 25.30 15.71
N VAL A 1141 -19.69 26.63 15.82
CA VAL A 1141 -20.37 27.59 14.89
C VAL A 1141 -19.87 27.33 13.44
N LEU A 1142 -18.54 27.23 13.25
CA LEU A 1142 -17.89 26.98 11.92
C LEU A 1142 -18.45 25.72 11.26
N ASP A 1143 -18.54 24.60 12.00
CA ASP A 1143 -19.13 23.31 11.54
C ASP A 1143 -20.59 23.54 11.11
N GLN A 1144 -21.40 24.19 11.95
CA GLN A 1144 -22.85 24.46 11.69
C GLN A 1144 -23.03 25.43 10.49
N CYS A 1145 -22.17 26.45 10.36
CA CYS A 1145 -22.30 27.55 9.36
C CYS A 1145 -21.97 27.09 7.93
N LEU A 1146 -21.06 26.12 7.74
CA LEU A 1146 -20.54 25.63 6.41
C LEU A 1146 -21.65 25.45 5.37
N PRO A 1147 -22.78 24.72 5.61
CA PRO A 1147 -23.84 24.54 4.61
C PRO A 1147 -24.40 25.83 4.00
N ALA A 1148 -24.81 26.78 4.85
CA ALA A 1148 -25.39 28.09 4.47
C ALA A 1148 -24.38 28.85 3.59
N CYS A 1149 -23.13 28.98 4.07
CA CYS A 1149 -21.94 29.56 3.34
C CYS A 1149 -21.78 28.89 1.96
N LEU A 1150 -21.68 27.55 1.93
CA LEU A 1150 -21.42 26.76 0.69
C LEU A 1150 -22.55 26.99 -0.32
N ARG A 1151 -23.83 26.88 0.12
CA ARG A 1151 -25.03 27.06 -0.76
C ARG A 1151 -24.99 28.44 -1.43
N ARG A 1152 -24.79 29.51 -0.64
CA ARG A 1152 -24.74 30.92 -1.13
C ARG A 1152 -23.52 31.12 -2.05
N LEU A 1153 -22.32 30.71 -1.61
CA LEU A 1153 -21.03 30.87 -2.37
C LEU A 1153 -21.11 30.13 -3.72
N ARG A 1154 -21.64 28.89 -3.75
CA ARG A 1154 -21.84 28.10 -4.99
C ARG A 1154 -23.15 27.31 -4.92
N PRO A 1155 -24.23 27.68 -5.69
CA PRO A 1155 -25.46 26.89 -5.70
C PRO A 1155 -25.27 25.50 -6.35
N LYS A 1156 -24.55 25.45 -7.48
CA LYS A 1156 -24.14 24.19 -8.17
C LYS A 1156 -22.77 24.37 -8.85
N ARG A 1157 -22.01 23.27 -8.98
CA ARG A 1157 -20.65 23.23 -9.57
C ARG A 1157 -20.43 21.87 -10.28
N ALA A 1158 -19.44 21.83 -11.20
CA ALA A 1158 -19.05 20.66 -12.03
C ALA A 1158 -17.55 20.38 -11.83
N SER A 1159 -17.20 19.19 -11.35
CA SER A 1159 -15.80 18.77 -11.03
C SER A 1159 -15.02 18.60 -12.34
N LYS A 1160 -13.78 19.13 -12.41
CA LYS A 1160 -12.85 18.98 -13.57
C LYS A 1160 -12.50 17.50 -13.83
N LYS A 1161 -12.43 16.66 -12.78
CA LYS A 1161 -12.12 15.19 -12.84
C LYS A 1161 -13.17 14.47 -13.72
N ARG A 1162 -12.70 13.61 -14.63
CA ARG A 1162 -13.50 13.02 -15.74
C ARG A 1162 -14.61 12.11 -15.18
N PHE A 1163 -14.33 11.31 -14.13
CA PHE A 1163 -15.30 10.33 -13.56
C PHE A 1163 -16.58 11.06 -13.10
N LYS A 1164 -16.45 12.21 -12.43
CA LYS A 1164 -17.61 12.97 -11.89
C LYS A 1164 -18.48 13.52 -13.04
N GLN A 1165 -17.88 13.87 -14.18
CA GLN A 1165 -18.60 14.40 -15.39
C GLN A 1165 -19.31 13.22 -16.07
N LEU A 1166 -18.56 12.16 -16.44
CA LEU A 1166 -19.07 10.92 -17.12
C LEU A 1166 -20.25 10.33 -16.33
N GLU A 1167 -20.15 10.28 -14.99
CA GLU A 1167 -21.27 9.91 -14.06
C GLU A 1167 -22.48 10.81 -14.34
N ARG A 1168 -22.29 12.14 -14.30
CA ARG A 1168 -23.37 13.15 -14.44
C ARG A 1168 -24.01 13.02 -15.84
N GLU A 1169 -23.22 12.89 -16.91
CA GLU A 1169 -23.70 12.61 -18.30
C GLU A 1169 -24.60 11.37 -18.33
N LEU A 1170 -24.09 10.24 -17.80
CA LEU A 1170 -24.81 8.94 -17.75
C LEU A 1170 -26.15 9.07 -16.99
N ALA A 1171 -26.20 9.87 -15.92
CA ALA A 1171 -27.44 10.21 -15.18
C ALA A 1171 -28.43 10.92 -16.12
N GLU A 1172 -27.98 11.90 -16.92
CA GLU A 1172 -28.83 12.65 -17.90
C GLU A 1172 -29.33 11.69 -19.00
N GLN A 1173 -28.43 10.94 -19.66
CA GLN A 1173 -28.78 9.96 -20.74
C GLN A 1173 -28.10 8.62 -20.43
N PRO A 1174 -28.82 7.52 -20.06
CA PRO A 1174 -28.19 6.23 -19.79
C PRO A 1174 -27.69 5.53 -21.07
N TRP A 1175 -26.89 4.47 -20.88
CA TRP A 1175 -26.50 3.51 -21.96
C TRP A 1175 -27.76 2.84 -22.51
N PRO A 1176 -27.86 2.54 -23.83
CA PRO A 1176 -29.13 2.12 -24.47
C PRO A 1176 -29.91 1.08 -23.67
N PRO A 1177 -31.12 1.37 -23.11
CA PRO A 1177 -31.94 0.38 -22.41
C PRO A 1177 -33.09 -0.18 -23.27
MG MG B . -5.34 -15.66 -5.92
PB ADP C . -8.65 -17.61 -9.77
O1B ADP C . -9.86 -18.26 -10.37
O2B ADP C . -9.03 -16.50 -8.85
O3B ADP C . -7.70 -18.61 -9.17
PA ADP C . -6.57 -17.39 -11.85
O1A ADP C . -6.40 -16.41 -12.96
O2A ADP C . -5.40 -17.59 -10.94
O3A ADP C . -7.85 -16.94 -10.99
O5' ADP C . -7.06 -18.82 -12.39
C5' ADP C . -7.39 -19.05 -13.78
C4' ADP C . -8.48 -20.09 -13.90
O4' ADP C . -7.88 -21.37 -14.26
C3' ADP C . -9.33 -20.37 -12.66
O3' ADP C . -10.39 -19.44 -12.54
C2' ADP C . -9.79 -21.81 -12.94
O2' ADP C . -10.89 -21.84 -13.83
C1' ADP C . -8.52 -22.40 -13.56
N9 ADP C . -7.56 -22.98 -12.62
C8 ADP C . -7.36 -22.65 -11.29
N7 ADP C . -6.44 -23.37 -10.71
C5 ADP C . -5.98 -24.21 -11.70
C6 ADP C . -4.98 -25.21 -11.70
N6 ADP C . -4.25 -25.51 -10.63
N1 ADP C . -4.75 -25.88 -12.87
C2 ADP C . -5.50 -25.55 -13.94
N3 ADP C . -6.47 -24.63 -14.05
C4 ADP C . -6.67 -23.99 -12.88
C1 NAG D . 12.40 53.49 34.50
C2 NAG D . 12.36 54.48 35.68
C3 NAG D . 13.76 54.41 36.31
C4 NAG D . 14.86 54.78 35.28
C5 NAG D . 14.53 54.31 33.86
C6 NAG D . 15.80 53.94 33.07
C7 NAG D . 11.85 56.41 34.21
C8 NAG D . 12.75 57.53 33.87
N2 NAG D . 12.12 55.90 35.40
O3 NAG D . 14.01 53.09 36.79
O4 NAG D . 15.17 56.17 35.26
O5 NAG D . 13.65 53.18 33.92
O6 NAG D . 15.82 54.67 31.83
O7 NAG D . 11.11 55.96 33.33
AL ALF E . -8.39 -14.03 -8.31
F1 ALF E . -8.18 -15.30 -7.06
F2 ALF E . -8.42 -12.71 -9.51
F3 ALF E . -6.63 -14.20 -8.39
F4 ALF E . -10.17 -13.96 -8.10
#